data_4A62
#
_entry.id   4A62
#
_cell.length_a   146.850
_cell.length_b   146.850
_cell.length_c   171.320
_cell.angle_alpha   90.00
_cell.angle_beta   90.00
_cell.angle_gamma   120.00
#
_symmetry.space_group_name_H-M   'H 3 2'
#
loop_
_entity.id
_entity.type
_entity.pdbx_description
1 polymer 'PLASMID SEGREGATION PROTEIN PARM'
2 polymer 'PROTEIN STBB'
3 non-polymer 'PHOSPHOAMINOPHOSPHONIC ACID-ADENYLATE ESTER'
4 non-polymer 'MAGNESIUM ION'
5 water water
#
loop_
_entity_poly.entity_id
_entity_poly.type
_entity_poly.pdbx_seq_one_letter_code
_entity_poly.pdbx_strand_id
1 'polypeptide(L)'
;MLVFIDDGSTNIKLQWQESDGTIKQHISPNSFKREWAVSFGDKKVFNYTLNGEQYSFDPISPDAVVTTNIAWQYSDVNVV
AVHHALLTSGLPVSEVDIVCTLPLTEYYDRNNQPNTENIERKKANFRKKITLNGGDTFTIKDVKVMPESIPAGYEVLQEL
DEADSLLIIDLGGTTLDISQVMGKLSGISKIYGDSSLGVSLVTSAVKDALSLARTKGSSYLADDIIIHRKDNNYLKQRIN
DENKISIVTEAMNEALRKLEQRVLNTLNEFSGYTHVMVIGGGAELICDAVKKHTQIRDERFFKTNNSQYDLVNGMYLIGN
;
A,B
2 'polypeptide(L)' EQKSDEETKKNAMKLIN C,D
#
loop_
_chem_comp.id
_chem_comp.type
_chem_comp.name
_chem_comp.formula
ANP non-polymer 'PHOSPHOAMINOPHOSPHONIC ACID-ADENYLATE ESTER' 'C10 H17 N6 O12 P3'
MG non-polymer 'MAGNESIUM ION' 'Mg 2'
#
# COMPACT_ATOMS: atom_id res chain seq x y z
N MET A 1 31.07 -4.44 -17.18
CA MET A 1 29.64 -4.80 -17.45
C MET A 1 28.96 -3.88 -18.46
N LEU A 2 28.39 -4.48 -19.50
CA LEU A 2 27.67 -3.72 -20.50
C LEU A 2 26.20 -4.16 -20.47
N VAL A 3 25.31 -3.22 -20.17
CA VAL A 3 23.90 -3.57 -20.06
C VAL A 3 23.07 -2.86 -21.11
N PHE A 4 22.22 -3.65 -21.77
CA PHE A 4 21.32 -3.10 -22.77
C PHE A 4 20.03 -2.69 -22.10
N ILE A 5 19.71 -1.42 -22.25
CA ILE A 5 18.58 -0.81 -21.60
C ILE A 5 17.69 -0.11 -22.60
N ASP A 6 16.65 -0.81 -23.05
CA ASP A 6 15.59 -0.16 -23.79
C ASP A 6 14.71 0.55 -22.76
N ASP A 7 14.97 1.82 -22.54
CA ASP A 7 14.29 2.56 -21.48
C ASP A 7 13.01 3.23 -21.98
N GLY A 8 11.91 2.47 -22.03
CA GLY A 8 10.65 2.99 -22.52
C GLY A 8 9.91 3.75 -21.45
N SER A 9 8.95 4.57 -21.86
CA SER A 9 8.17 5.38 -20.95
C SER A 9 7.42 4.56 -19.90
N THR A 10 7.06 3.34 -20.26
CA THR A 10 6.18 2.51 -19.43
C THR A 10 6.94 1.46 -18.65
N ASN A 11 7.91 0.85 -19.31
CA ASN A 11 8.74 -0.20 -18.76
C ASN A 11 10.18 -0.09 -19.23
N ILE A 12 11.12 -0.17 -18.30
CA ILE A 12 12.52 -0.35 -18.66
C ILE A 12 12.70 -1.82 -18.97
N LYS A 13 13.26 -2.11 -20.14
CA LYS A 13 13.68 -3.48 -20.47
C LYS A 13 15.20 -3.56 -20.50
N LEU A 14 15.72 -4.56 -19.80
CA LEU A 14 17.16 -4.76 -19.65
C LEU A 14 17.55 -6.08 -20.26
N GLN A 15 18.68 -6.10 -20.94
CA GLN A 15 19.28 -7.37 -21.35
C GLN A 15 20.79 -7.23 -21.20
N TRP A 16 21.44 -8.30 -20.77
CA TRP A 16 22.86 -8.27 -20.47
C TRP A 16 23.33 -9.71 -20.38
N GLN A 17 24.65 -9.92 -20.50
CA GLN A 17 25.20 -11.27 -20.48
C GLN A 17 26.01 -11.52 -19.20
N GLU A 18 25.79 -12.68 -18.59
CA GLU A 18 26.49 -13.05 -17.35
C GLU A 18 27.95 -13.42 -17.63
N SER A 19 28.76 -13.46 -16.58
CA SER A 19 30.16 -13.87 -16.70
C SER A 19 30.27 -15.18 -17.47
N ASP A 20 29.43 -16.14 -17.13
CA ASP A 20 29.42 -17.43 -17.83
C ASP A 20 28.63 -17.40 -19.14
N GLY A 21 28.54 -16.21 -19.74
CA GLY A 21 27.98 -16.07 -21.08
C GLY A 21 26.49 -16.29 -21.24
N THR A 22 25.75 -16.52 -20.16
CA THR A 22 24.31 -16.67 -20.26
C THR A 22 23.62 -15.30 -20.33
N ILE A 23 22.57 -15.22 -21.16
CA ILE A 23 21.90 -13.98 -21.43
C ILE A 23 20.71 -13.82 -20.50
N LYS A 24 20.61 -12.68 -19.84
CA LYS A 24 19.49 -12.44 -18.94
C LYS A 24 18.64 -11.25 -19.40
N GLN A 25 17.35 -11.30 -19.08
CA GLN A 25 16.42 -10.19 -19.32
C GLN A 25 15.70 -9.79 -18.04
N HIS A 26 15.41 -8.50 -17.90
CA HIS A 26 14.64 -8.01 -16.78
C HIS A 26 13.73 -6.87 -17.27
N ILE A 27 12.50 -6.84 -16.80
CA ILE A 27 11.62 -5.70 -17.08
C ILE A 27 11.31 -4.96 -15.77
N SER A 28 11.13 -3.65 -15.85
CA SER A 28 10.87 -2.85 -14.66
C SER A 28 9.89 -1.71 -14.98
N PRO A 29 8.66 -1.82 -14.45
CA PRO A 29 7.59 -0.85 -14.68
C PRO A 29 7.94 0.50 -14.08
N ASN A 30 7.66 1.56 -14.81
CA ASN A 30 7.99 2.91 -14.38
C ASN A 30 6.87 3.59 -13.58
N SER A 31 6.63 3.09 -12.37
CA SER A 31 5.58 3.64 -11.51
C SER A 31 6.24 4.26 -10.27
N PHE A 32 6.35 5.59 -10.24
CA PHE A 32 7.04 6.30 -9.16
C PHE A 32 6.21 7.49 -8.66
N LYS A 33 6.20 7.68 -7.36
CA LYS A 33 5.52 8.83 -6.77
C LYS A 33 6.55 9.76 -6.15
N ARG A 34 6.23 11.04 -6.14
CA ARG A 34 7.17 12.08 -5.68
C ARG A 34 7.20 12.17 -4.15
N GLU A 35 7.40 11.03 -3.50
CA GLU A 35 7.41 10.93 -2.06
C GLU A 35 8.07 9.64 -1.69
N TRP A 36 8.72 9.61 -0.53
CA TRP A 36 9.30 8.36 -0.10
C TRP A 36 8.18 7.45 0.39
N ALA A 37 8.37 6.15 0.18
CA ALA A 37 7.41 5.17 0.64
C ALA A 37 7.77 4.69 2.03
N VAL A 38 6.79 4.14 2.72
CA VAL A 38 6.96 3.69 4.09
C VAL A 38 7.04 2.16 4.14
N SER A 39 8.09 1.66 4.77
CA SER A 39 8.30 0.23 4.91
C SER A 39 7.58 -0.29 6.12
N PHE A 40 6.68 -1.24 5.94
CA PHE A 40 6.11 -1.95 7.07
C PHE A 40 6.35 -3.44 6.93
N GLY A 41 6.91 -4.04 7.98
CA GLY A 41 7.18 -5.46 8.00
C GLY A 41 8.34 -5.87 7.12
N ASP A 42 8.02 -6.68 6.11
CA ASP A 42 9.04 -7.29 5.25
C ASP A 42 9.11 -6.61 3.88
N LYS A 43 8.44 -5.47 3.75
CA LYS A 43 8.43 -4.72 2.49
C LYS A 43 9.69 -3.90 2.35
N LYS A 44 10.51 -4.24 1.36
CA LYS A 44 11.65 -3.41 1.02
C LYS A 44 11.18 -2.31 0.08
N VAL A 45 11.38 -1.07 0.50
CA VAL A 45 10.97 0.07 -0.29
C VAL A 45 12.21 0.67 -0.95
N PHE A 46 12.02 1.35 -2.08
CA PHE A 46 13.12 1.96 -2.81
C PHE A 46 12.86 3.45 -2.85
N ASN A 47 13.56 4.19 -2.00
CA ASN A 47 13.38 5.64 -1.92
C ASN A 47 14.60 6.35 -2.49
N TYR A 48 14.37 7.22 -3.47
CA TYR A 48 15.45 7.89 -4.18
C TYR A 48 15.38 9.42 -4.05
N THR A 49 16.53 10.06 -4.23
CA THR A 49 16.60 11.52 -4.30
C THR A 49 17.39 11.92 -5.54
N LEU A 50 16.82 12.83 -6.32
CA LEU A 50 17.51 13.33 -7.50
C LEU A 50 17.25 14.81 -7.64
N ASN A 51 18.31 15.60 -7.62
CA ASN A 51 18.16 17.04 -7.69
C ASN A 51 17.22 17.59 -6.62
N GLY A 52 17.43 17.18 -5.38
CA GLY A 52 16.66 17.71 -4.26
C GLY A 52 15.21 17.28 -4.24
N GLU A 53 14.84 16.31 -5.08
CA GLU A 53 13.47 15.80 -5.10
C GLU A 53 13.44 14.32 -4.74
N GLN A 54 12.40 13.92 -4.02
CA GLN A 54 12.31 12.55 -3.52
C GLN A 54 11.36 11.70 -4.36
N TYR A 55 11.71 10.44 -4.52
CA TYR A 55 10.84 9.51 -5.26
C TYR A 55 10.82 8.17 -4.57
N SER A 56 9.77 7.41 -4.82
CA SER A 56 9.77 6.01 -4.48
C SER A 56 9.12 5.20 -5.59
N PHE A 57 9.57 3.96 -5.74
CA PHE A 57 8.88 3.04 -6.59
C PHE A 57 7.53 2.75 -5.89
N ASP A 58 6.43 2.99 -6.58
CA ASP A 58 5.10 2.69 -6.04
C ASP A 58 4.19 2.19 -7.16
N PRO A 59 3.94 0.88 -7.18
CA PRO A 59 3.16 0.27 -8.27
C PRO A 59 1.65 0.56 -8.20
N ILE A 60 1.12 0.89 -7.02
CA ILE A 60 -0.32 1.00 -6.87
C ILE A 60 -0.86 2.43 -6.73
N SER A 61 -0.04 3.36 -6.27
CA SER A 61 -0.56 4.71 -6.00
C SER A 61 -1.16 5.39 -7.22
N PRO A 62 -2.39 5.89 -7.07
CA PRO A 62 -2.99 6.72 -8.11
C PRO A 62 -2.18 8.00 -8.36
N ASP A 63 -1.23 8.34 -7.50
CA ASP A 63 -0.42 9.54 -7.73
C ASP A 63 0.93 9.26 -8.38
N ALA A 64 1.16 8.01 -8.80
CA ALA A 64 2.35 7.69 -9.58
C ALA A 64 2.48 8.69 -10.73
N VAL A 65 3.71 9.11 -11.02
CA VAL A 65 3.94 10.08 -12.08
C VAL A 65 3.52 9.47 -13.43
N VAL A 66 2.67 10.18 -14.17
CA VAL A 66 2.32 9.76 -15.53
C VAL A 66 3.43 10.18 -16.50
N THR A 67 4.02 9.21 -17.17
CA THR A 67 5.26 9.43 -17.92
C THR A 67 5.09 9.29 -19.44
N THR A 68 3.84 9.30 -19.90
CA THR A 68 3.53 9.08 -21.31
C THR A 68 3.79 10.30 -22.20
N ASN A 69 5.06 10.67 -22.39
CA ASN A 69 5.39 11.79 -23.27
C ASN A 69 6.86 11.81 -23.73
N ILE A 70 7.16 12.62 -24.74
CA ILE A 70 8.52 12.71 -25.30
C ILE A 70 9.55 13.25 -24.28
N ALA A 71 9.12 14.24 -23.49
CA ALA A 71 10.01 14.89 -22.53
C ALA A 71 10.67 13.87 -21.60
N TRP A 72 9.91 12.86 -21.24
CA TRP A 72 10.40 11.81 -20.36
C TRP A 72 11.75 11.22 -20.81
N GLN A 73 12.05 11.25 -22.10
CA GLN A 73 13.31 10.68 -22.59
C GLN A 73 14.51 11.33 -21.92
N TYR A 74 14.40 12.61 -21.62
CA TYR A 74 15.51 13.38 -21.05
C TYR A 74 15.21 13.83 -19.61
N SER A 75 14.15 13.28 -19.03
CA SER A 75 13.65 13.74 -17.73
C SER A 75 14.44 13.17 -16.58
N ASP A 76 14.23 13.74 -15.39
CA ASP A 76 14.75 13.18 -14.16
C ASP A 76 14.15 11.81 -13.81
N VAL A 77 12.84 11.65 -14.00
CA VAL A 77 12.18 10.39 -13.64
C VAL A 77 12.81 9.24 -14.40
N ASN A 78 13.15 9.49 -15.68
CA ASN A 78 13.82 8.48 -16.48
C ASN A 78 15.05 7.94 -15.77
N VAL A 79 15.89 8.85 -15.26
CA VAL A 79 17.12 8.44 -14.58
C VAL A 79 16.78 7.57 -13.35
N VAL A 80 15.76 7.95 -12.60
CA VAL A 80 15.35 7.17 -11.44
C VAL A 80 14.92 5.78 -11.90
N ALA A 81 14.12 5.76 -12.96
CA ALA A 81 13.54 4.53 -13.47
C ALA A 81 14.63 3.55 -13.89
N VAL A 82 15.63 4.07 -14.61
CA VAL A 82 16.73 3.23 -15.07
C VAL A 82 17.58 2.71 -13.90
N HIS A 83 17.90 3.58 -12.95
CA HIS A 83 18.62 3.11 -11.77
C HIS A 83 17.82 2.06 -11.01
N HIS A 84 16.49 2.23 -10.96
CA HIS A 84 15.66 1.31 -10.20
C HIS A 84 15.62 -0.04 -10.87
N ALA A 85 15.56 -0.03 -12.20
CA ALA A 85 15.58 -1.26 -12.98
C ALA A 85 16.88 -2.03 -12.74
N LEU A 86 17.99 -1.31 -12.73
CA LEU A 86 19.30 -1.89 -12.40
C LEU A 86 19.28 -2.48 -11.00
N LEU A 87 18.72 -1.74 -10.06
CA LEU A 87 18.71 -2.18 -8.67
C LEU A 87 17.76 -3.34 -8.41
N THR A 88 16.83 -3.60 -9.33
CA THR A 88 15.93 -4.74 -9.16
C THR A 88 16.22 -5.89 -10.13
N SER A 89 17.28 -5.75 -10.93
CA SER A 89 17.64 -6.74 -11.95
C SER A 89 18.27 -8.01 -11.38
N GLY A 90 18.99 -7.86 -10.27
CA GLY A 90 19.73 -8.98 -9.71
C GLY A 90 21.22 -8.87 -9.99
N LEU A 91 21.62 -7.84 -10.75
CA LEU A 91 23.02 -7.54 -10.94
C LEU A 91 23.59 -6.86 -9.69
N PRO A 92 24.82 -7.20 -9.31
CA PRO A 92 25.42 -6.51 -8.16
C PRO A 92 25.70 -5.04 -8.50
N VAL A 93 25.39 -4.13 -7.57
CA VAL A 93 25.62 -2.72 -7.80
C VAL A 93 27.05 -2.51 -8.32
N SER A 94 27.21 -1.66 -9.33
CA SER A 94 28.55 -1.41 -9.89
C SER A 94 28.59 -0.23 -10.84
N GLU A 95 29.76 -0.06 -11.47
CA GLU A 95 29.85 0.72 -12.68
C GLU A 95 29.32 -0.17 -13.80
N VAL A 96 28.68 0.44 -14.79
CA VAL A 96 28.22 -0.28 -15.95
C VAL A 96 28.32 0.65 -17.13
N ASP A 97 28.46 0.09 -18.32
CA ASP A 97 28.27 0.86 -19.54
C ASP A 97 26.89 0.44 -20.04
N ILE A 98 26.17 1.37 -20.63
CA ILE A 98 24.82 1.05 -21.08
C ILE A 98 24.56 1.51 -22.50
N VAL A 99 23.67 0.79 -23.16
CA VAL A 99 23.19 1.21 -24.46
C VAL A 99 21.69 1.39 -24.32
N CYS A 100 21.26 2.65 -24.41
CA CYS A 100 19.86 2.99 -24.22
C CYS A 100 19.23 3.35 -25.56
N THR A 101 18.00 3.88 -25.51
CA THR A 101 17.25 4.09 -26.74
C THR A 101 16.60 5.46 -26.84
N LEU A 102 16.37 5.88 -28.08
CA LEU A 102 15.54 7.04 -28.36
C LEU A 102 14.45 6.66 -29.36
N PRO A 103 13.30 7.34 -29.28
CA PRO A 103 12.25 7.25 -30.30
C PRO A 103 12.81 7.66 -31.65
N LEU A 104 12.24 7.13 -32.73
CA LEU A 104 12.75 7.38 -34.08
C LEU A 104 12.92 8.86 -34.39
N THR A 105 11.92 9.67 -34.07
CA THR A 105 11.92 11.08 -34.48
C THR A 105 12.83 11.95 -33.63
N GLU A 106 13.25 11.41 -32.48
CA GLU A 106 14.26 12.04 -31.63
C GLU A 106 15.66 11.58 -32.02
N TYR A 107 15.77 10.32 -32.45
CA TYR A 107 17.07 9.77 -32.81
C TYR A 107 17.53 10.18 -34.20
N TYR A 108 16.59 10.64 -35.04
CA TYR A 108 16.88 10.90 -36.44
C TYR A 108 16.28 12.21 -36.93
N ASP A 109 17.04 12.96 -37.72
CA ASP A 109 16.50 14.12 -38.42
C ASP A 109 15.62 13.66 -39.58
N ARG A 110 15.00 14.62 -40.25
CA ARG A 110 14.07 14.31 -41.34
C ARG A 110 14.76 13.57 -42.47
N ASN A 111 16.08 13.50 -42.41
CA ASN A 111 16.86 12.85 -43.45
C ASN A 111 17.32 11.46 -43.06
N ASN A 112 16.90 11.02 -41.88
CA ASN A 112 17.30 9.72 -41.35
C ASN A 112 18.79 9.68 -41.05
N GLN A 113 19.31 10.81 -40.57
CA GLN A 113 20.66 10.86 -40.03
C GLN A 113 20.58 11.23 -38.54
N PRO A 114 21.47 10.67 -37.72
CA PRO A 114 21.45 10.91 -36.27
C PRO A 114 21.31 12.38 -35.88
N ASN A 115 20.43 12.65 -34.92
CA ASN A 115 20.25 14.01 -34.40
C ASN A 115 21.18 14.19 -33.21
N THR A 116 22.47 14.31 -33.52
CA THR A 116 23.52 14.38 -32.50
C THR A 116 23.16 15.29 -31.33
N GLU A 117 22.44 16.38 -31.57
CA GLU A 117 21.99 17.23 -30.49
C GLU A 117 21.15 16.42 -29.49
N ASN A 118 20.07 15.80 -29.98
CA ASN A 118 19.20 14.99 -29.12
C ASN A 118 19.91 13.78 -28.55
N ILE A 119 20.75 13.14 -29.36
CA ILE A 119 21.51 11.98 -28.91
C ILE A 119 22.43 12.32 -27.74
N GLU A 120 22.97 13.54 -27.74
CA GLU A 120 23.86 13.98 -26.67
C GLU A 120 23.06 14.41 -25.46
N ARG A 121 21.93 15.06 -25.71
CA ARG A 121 21.03 15.41 -24.62
C ARG A 121 20.68 14.13 -23.85
N LYS A 122 20.50 13.02 -24.58
CA LYS A 122 20.13 11.74 -23.97
C LYS A 122 21.24 11.23 -23.05
N LYS A 123 22.46 11.19 -23.56
CA LYS A 123 23.62 10.72 -22.81
C LYS A 123 23.88 11.54 -21.56
N ALA A 124 23.62 12.85 -21.67
CA ALA A 124 23.90 13.77 -20.59
C ALA A 124 22.88 13.61 -19.44
N ASN A 125 21.66 13.22 -19.79
CA ASN A 125 20.63 13.00 -18.78
C ASN A 125 21.11 12.01 -17.71
N PHE A 126 21.77 10.94 -18.16
CA PHE A 126 22.30 9.91 -17.26
C PHE A 126 23.52 10.33 -16.45
N ARG A 127 23.90 11.60 -16.53
CA ARG A 127 24.99 12.13 -15.73
C ARG A 127 24.44 12.72 -14.43
N LYS A 128 23.16 13.10 -14.47
CA LYS A 128 22.45 13.57 -13.29
C LYS A 128 22.78 12.66 -12.12
N LYS A 129 23.03 13.24 -10.95
CA LYS A 129 23.41 12.45 -9.79
C LYS A 129 22.18 12.06 -8.98
N ILE A 130 22.16 10.82 -8.51
CA ILE A 130 21.01 10.27 -7.81
C ILE A 130 21.43 9.46 -6.60
N THR A 131 20.62 9.55 -5.54
CA THR A 131 20.89 8.83 -4.31
C THR A 131 19.77 7.85 -3.99
N LEU A 132 20.15 6.62 -3.65
CA LEU A 132 19.23 5.65 -3.07
C LEU A 132 19.33 5.74 -1.55
N ASN A 133 18.19 5.76 -0.87
CA ASN A 133 18.17 5.89 0.58
C ASN A 133 18.66 4.62 1.24
N GLY A 134 19.68 4.75 2.08
CA GLY A 134 20.24 3.62 2.80
C GLY A 134 20.86 2.56 1.90
N GLY A 135 21.42 2.98 0.77
CA GLY A 135 22.02 2.02 -0.15
C GLY A 135 22.80 2.68 -1.26
N ASP A 136 23.56 1.88 -1.99
CA ASP A 136 24.35 2.39 -3.10
C ASP A 136 23.66 2.17 -4.43
N THR A 137 23.74 3.17 -5.29
CA THR A 137 23.27 3.07 -6.66
C THR A 137 24.38 2.57 -7.57
N PHE A 138 24.00 1.91 -8.67
CA PHE A 138 24.93 1.65 -9.75
C PHE A 138 25.53 2.97 -10.20
N THR A 139 26.75 2.94 -10.73
CA THR A 139 27.30 4.11 -11.40
C THR A 139 27.21 3.87 -12.90
N ILE A 140 26.69 4.85 -13.62
CA ILE A 140 26.55 4.73 -15.07
C ILE A 140 27.75 5.38 -15.77
N LYS A 141 28.59 4.56 -16.36
CA LYS A 141 29.82 5.03 -17.00
C LYS A 141 29.57 5.49 -18.44
N ASP A 142 29.83 4.61 -19.41
CA ASP A 142 29.70 4.99 -20.82
C ASP A 142 28.28 4.79 -21.31
N VAL A 143 27.77 5.78 -22.04
CA VAL A 143 26.42 5.71 -22.57
C VAL A 143 26.40 5.86 -24.09
N LYS A 144 25.90 4.83 -24.76
CA LYS A 144 25.60 4.93 -26.19
C LYS A 144 24.10 4.76 -26.46
N VAL A 145 23.65 5.35 -27.56
CA VAL A 145 22.23 5.39 -27.90
C VAL A 145 21.94 4.64 -29.20
N MET A 146 20.78 4.00 -29.26
CA MET A 146 20.30 3.40 -30.49
C MET A 146 18.86 3.83 -30.73
N PRO A 147 18.39 3.72 -31.98
CA PRO A 147 16.99 4.08 -32.23
C PRO A 147 16.05 2.96 -31.81
N GLU A 148 14.80 3.30 -31.53
CA GLU A 148 13.80 2.31 -31.22
C GLU A 148 13.28 1.70 -32.52
N SER A 149 12.42 0.69 -32.42
CA SER A 149 11.90 0.00 -33.60
C SER A 149 13.01 -0.80 -34.33
N ILE A 150 13.89 -0.11 -35.03
CA ILE A 150 14.78 -0.73 -36.02
C ILE A 150 15.60 -1.94 -35.52
N PRO A 151 16.31 -1.79 -34.40
CA PRO A 151 17.19 -2.87 -33.91
C PRO A 151 16.48 -4.21 -33.72
N ALA A 152 15.16 -4.18 -33.54
CA ALA A 152 14.40 -5.41 -33.32
C ALA A 152 14.35 -6.29 -34.58
N GLY A 153 14.51 -5.67 -35.75
CA GLY A 153 14.43 -6.42 -36.99
C GLY A 153 15.73 -7.12 -37.38
N TYR A 154 16.72 -7.06 -36.51
CA TYR A 154 18.06 -7.54 -36.83
C TYR A 154 18.11 -8.95 -37.42
N GLU A 155 17.68 -9.96 -36.67
CA GLU A 155 17.72 -11.32 -37.18
C GLU A 155 16.98 -11.44 -38.52
N VAL A 156 15.74 -10.98 -38.55
CA VAL A 156 14.93 -11.11 -39.75
C VAL A 156 15.57 -10.42 -40.95
N LEU A 157 16.16 -9.25 -40.73
CA LEU A 157 16.76 -8.51 -41.84
C LEU A 157 17.96 -9.26 -42.43
N GLN A 158 18.57 -10.13 -41.62
CA GLN A 158 19.73 -10.91 -42.03
C GLN A 158 19.43 -11.81 -43.23
N GLU A 159 18.30 -12.53 -43.17
CA GLU A 159 17.96 -13.46 -44.23
C GLU A 159 17.06 -12.81 -45.28
N LEU A 160 17.17 -11.49 -45.41
CA LEU A 160 16.32 -10.73 -46.34
C LEU A 160 17.15 -10.03 -47.41
N ASP A 161 16.85 -10.34 -48.67
CA ASP A 161 17.48 -9.69 -49.81
C ASP A 161 17.40 -8.18 -49.68
N GLU A 162 18.38 -7.47 -50.24
CA GLU A 162 18.45 -6.02 -50.12
C GLU A 162 17.35 -5.30 -50.91
N ALA A 163 16.51 -6.07 -51.59
CA ALA A 163 15.43 -5.52 -52.40
C ALA A 163 14.13 -5.51 -51.61
N ASP A 164 13.98 -6.52 -50.75
CA ASP A 164 12.86 -6.59 -49.84
C ASP A 164 12.99 -5.49 -48.78
N SER A 165 11.86 -5.02 -48.26
CA SER A 165 11.92 -4.08 -47.15
C SER A 165 10.94 -4.48 -46.05
N LEU A 166 11.39 -4.31 -44.82
CA LEU A 166 10.64 -4.76 -43.66
C LEU A 166 10.02 -3.57 -42.94
N LEU A 167 8.70 -3.60 -42.79
CA LEU A 167 8.01 -2.60 -42.01
C LEU A 167 8.00 -3.03 -40.52
N ILE A 168 8.74 -2.32 -39.69
CA ILE A 168 8.79 -2.64 -38.28
C ILE A 168 7.88 -1.68 -37.53
N ILE A 169 6.78 -2.22 -37.01
CA ILE A 169 5.80 -1.44 -36.28
C ILE A 169 5.94 -1.63 -34.77
N ASP A 170 6.48 -0.60 -34.12
CA ASP A 170 6.74 -0.60 -32.70
C ASP A 170 5.67 0.18 -31.96
N LEU A 171 4.74 -0.52 -31.28
CA LEU A 171 3.73 0.19 -30.51
C LEU A 171 4.07 0.10 -29.02
N GLY A 172 4.41 1.25 -28.44
CA GLY A 172 4.71 1.34 -27.03
C GLY A 172 3.60 2.01 -26.23
N GLY A 173 3.90 2.37 -24.97
CA GLY A 173 2.93 3.06 -24.13
C GLY A 173 2.62 4.47 -24.62
N THR A 174 3.64 5.17 -25.08
CA THR A 174 3.47 6.56 -25.50
C THR A 174 3.42 6.71 -27.02
N THR A 175 4.30 5.98 -27.70
CA THR A 175 4.61 6.26 -29.10
C THR A 175 4.38 5.07 -30.02
N LEU A 176 3.82 5.36 -31.19
CA LEU A 176 3.88 4.49 -32.35
C LEU A 176 5.13 4.83 -33.18
N ASP A 177 6.13 3.96 -33.15
CA ASP A 177 7.33 4.12 -33.97
C ASP A 177 7.28 3.14 -35.16
N ILE A 178 7.27 3.67 -36.36
CA ILE A 178 7.28 2.84 -37.56
C ILE A 178 8.51 3.13 -38.41
N SER A 179 9.15 2.06 -38.87
CA SER A 179 10.29 2.19 -39.75
C SER A 179 10.14 1.19 -40.88
N GLN A 180 10.62 1.57 -42.05
CA GLN A 180 10.70 0.68 -43.18
C GLN A 180 12.17 0.59 -43.54
N VAL A 181 12.71 -0.61 -43.47
CA VAL A 181 14.15 -0.83 -43.55
C VAL A 181 14.46 -1.88 -44.62
N MET A 182 15.45 -1.61 -45.45
CA MET A 182 15.81 -2.53 -46.53
C MET A 182 16.62 -3.70 -45.98
N GLY A 183 16.59 -4.82 -46.69
CA GLY A 183 17.33 -6.01 -46.33
C GLY A 183 18.80 -5.76 -46.02
N LYS A 184 19.36 -6.64 -45.18
CA LYS A 184 20.72 -6.51 -44.70
C LYS A 184 20.96 -5.17 -44.02
N LEU A 185 19.87 -4.51 -43.63
CA LEU A 185 19.97 -3.20 -43.02
C LEU A 185 20.81 -2.30 -43.93
N SER A 186 20.64 -2.50 -45.24
CA SER A 186 21.40 -1.74 -46.24
C SER A 186 20.88 -0.32 -46.38
N GLY A 187 19.63 -0.08 -45.98
CA GLY A 187 19.07 1.25 -46.03
C GLY A 187 17.82 1.44 -45.18
N ILE A 188 17.42 2.70 -45.02
CA ILE A 188 16.17 3.06 -44.35
C ILE A 188 15.30 3.87 -45.31
N SER A 189 14.21 3.29 -45.77
CA SER A 189 13.31 3.99 -46.67
C SER A 189 12.68 5.14 -45.93
N LYS A 190 12.11 4.85 -44.77
CA LYS A 190 11.25 5.81 -44.10
C LYS A 190 11.15 5.56 -42.60
N ILE A 191 11.06 6.63 -41.83
CA ILE A 191 10.76 6.53 -40.41
C ILE A 191 9.44 7.24 -40.15
N TYR A 192 8.87 7.02 -38.97
CA TYR A 192 7.65 7.70 -38.58
C TYR A 192 7.45 7.55 -37.07
N GLY A 193 7.18 8.67 -36.41
CA GLY A 193 6.88 8.65 -34.99
C GLY A 193 5.65 9.46 -34.66
N ASP A 194 4.71 8.82 -33.97
CA ASP A 194 3.56 9.53 -33.46
C ASP A 194 3.48 9.33 -31.95
N SER A 195 3.91 10.36 -31.22
CA SER A 195 3.95 10.30 -29.76
C SER A 195 2.61 10.55 -29.07
N SER A 196 1.55 10.72 -29.86
CA SER A 196 0.21 10.84 -29.29
C SER A 196 -0.56 9.54 -29.50
N LEU A 197 0.06 8.59 -30.20
CA LEU A 197 -0.58 7.30 -30.43
C LEU A 197 0.17 6.19 -29.69
N GLY A 198 -0.25 5.91 -28.47
CA GLY A 198 0.36 4.85 -27.69
C GLY A 198 -0.75 4.02 -27.06
N VAL A 199 -0.37 2.96 -26.37
CA VAL A 199 -1.34 2.18 -25.61
C VAL A 199 -1.92 3.00 -24.46
N SER A 200 -1.27 4.12 -24.14
CA SER A 200 -1.78 5.00 -23.07
C SER A 200 -3.20 5.48 -23.36
N LEU A 201 -3.54 5.51 -24.64
CA LEU A 201 -4.90 5.78 -25.08
C LEU A 201 -5.84 4.85 -24.34
N VAL A 202 -5.44 3.59 -24.25
CA VAL A 202 -6.24 2.57 -23.60
C VAL A 202 -5.98 2.66 -22.10
N THR A 203 -4.71 2.67 -21.69
CA THR A 203 -4.37 2.79 -20.27
C THR A 203 -5.18 3.90 -19.58
N SER A 204 -5.13 5.10 -20.14
CA SER A 204 -5.87 6.25 -19.61
C SER A 204 -7.36 5.96 -19.44
N ALA A 205 -7.96 5.37 -20.47
CA ALA A 205 -9.38 5.05 -20.43
C ALA A 205 -9.69 3.97 -19.39
N VAL A 206 -8.81 2.99 -19.25
CA VAL A 206 -9.03 1.94 -18.27
C VAL A 206 -8.89 2.50 -16.84
N LYS A 207 -7.93 3.40 -16.67
CA LYS A 207 -7.65 4.01 -15.38
C LYS A 207 -8.87 4.77 -14.86
N ASP A 208 -9.48 5.56 -15.74
CA ASP A 208 -10.66 6.31 -15.42
C ASP A 208 -11.81 5.40 -15.03
N ALA A 209 -11.93 4.26 -15.71
CA ALA A 209 -13.05 3.34 -15.49
C ALA A 209 -12.86 2.65 -14.17
N LEU A 210 -11.62 2.27 -13.89
CA LEU A 210 -11.27 1.64 -12.63
C LEU A 210 -11.59 2.58 -11.47
N SER A 211 -11.31 3.87 -11.62
CA SER A 211 -11.61 4.83 -10.57
CA SER A 211 -11.61 4.84 -10.57
C SER A 211 -13.11 4.91 -10.33
N LEU A 212 -13.89 4.92 -11.41
CA LEU A 212 -15.34 4.93 -11.29
C LEU A 212 -15.79 3.64 -10.60
N ALA A 213 -15.09 2.54 -10.87
CA ALA A 213 -15.40 1.26 -10.23
C ALA A 213 -14.68 1.13 -8.90
N ARG A 214 -14.33 2.27 -8.30
CA ARG A 214 -13.77 2.28 -6.94
C ARG A 214 -12.55 1.40 -6.82
N THR A 215 -11.72 1.40 -7.85
CA THR A 215 -10.46 0.71 -7.81
C THR A 215 -9.43 1.74 -8.27
N LYS A 216 -9.28 2.80 -7.47
CA LYS A 216 -8.37 3.89 -7.81
C LYS A 216 -6.92 3.41 -7.72
N GLY A 217 -6.23 3.43 -8.85
CA GLY A 217 -4.85 2.97 -8.90
C GLY A 217 -3.97 3.70 -9.92
N SER A 218 -2.76 3.18 -10.07
CA SER A 218 -1.77 3.76 -10.98
C SER A 218 -2.03 3.36 -12.43
N SER A 219 -1.30 3.98 -13.35
CA SER A 219 -1.36 3.59 -14.75
C SER A 219 -0.91 2.13 -14.87
N TYR A 220 0.06 1.75 -14.06
CA TYR A 220 0.55 0.38 -14.06
C TYR A 220 -0.55 -0.65 -13.76
N LEU A 221 -1.38 -0.40 -12.74
CA LEU A 221 -2.48 -1.31 -12.43
C LEU A 221 -3.47 -1.39 -13.59
N ALA A 222 -3.67 -0.27 -14.25
CA ALA A 222 -4.58 -0.21 -15.38
C ALA A 222 -4.03 -1.07 -16.52
N ASP A 223 -2.71 -1.03 -16.72
CA ASP A 223 -2.06 -1.82 -17.74
C ASP A 223 -2.18 -3.28 -17.35
N ASP A 224 -2.18 -3.52 -16.05
CA ASP A 224 -2.23 -4.87 -15.55
C ASP A 224 -3.59 -5.47 -15.89
N ILE A 225 -4.61 -4.63 -15.89
CA ILE A 225 -5.95 -5.07 -16.28
C ILE A 225 -6.05 -5.26 -17.80
N ILE A 226 -5.36 -4.43 -18.56
CA ILE A 226 -5.33 -4.58 -20.00
C ILE A 226 -4.63 -5.89 -20.38
N ILE A 227 -3.56 -6.21 -19.66
CA ILE A 227 -2.82 -7.43 -19.94
C ILE A 227 -3.70 -8.64 -19.67
N HIS A 228 -4.49 -8.57 -18.61
CA HIS A 228 -5.35 -9.69 -18.23
C HIS A 228 -6.81 -9.54 -18.71
N ARG A 229 -7.02 -8.78 -19.79
CA ARG A 229 -8.36 -8.47 -20.24
C ARG A 229 -9.18 -9.73 -20.56
N LYS A 230 -8.50 -10.81 -20.96
CA LYS A 230 -9.21 -12.02 -21.39
C LYS A 230 -9.53 -12.97 -20.24
N ASP A 231 -9.13 -12.59 -19.02
CA ASP A 231 -9.27 -13.47 -17.87
C ASP A 231 -10.35 -12.93 -16.93
N ASN A 232 -11.58 -13.43 -17.07
CA ASN A 232 -12.73 -12.86 -16.39
C ASN A 232 -12.62 -12.98 -14.87
N ASN A 233 -11.95 -14.03 -14.42
CA ASN A 233 -11.76 -14.22 -12.99
C ASN A 233 -10.73 -13.23 -12.43
N TYR A 234 -9.68 -12.95 -13.20
CA TYR A 234 -8.70 -11.95 -12.80
C TYR A 234 -9.41 -10.60 -12.66
N LEU A 235 -10.15 -10.24 -13.69
CA LEU A 235 -10.93 -9.01 -13.67
C LEU A 235 -11.80 -8.96 -12.42
N LYS A 236 -12.47 -10.06 -12.09
CA LYS A 236 -13.35 -10.08 -10.93
C LYS A 236 -12.59 -9.99 -9.60
N GLN A 237 -11.35 -10.47 -9.55
CA GLN A 237 -10.56 -10.38 -8.31
C GLN A 237 -9.97 -8.98 -8.09
N ARG A 238 -9.67 -8.30 -9.18
CA ARG A 238 -8.98 -7.01 -9.11
C ARG A 238 -9.96 -5.84 -9.00
N ILE A 239 -11.07 -5.91 -9.72
CA ILE A 239 -12.03 -4.81 -9.79
C ILE A 239 -13.01 -4.84 -8.62
N ASN A 240 -12.97 -3.82 -7.77
CA ASN A 240 -13.73 -3.86 -6.51
C ASN A 240 -15.24 -3.83 -6.70
N ASP A 241 -15.73 -2.85 -7.46
CA ASP A 241 -17.16 -2.81 -7.73
C ASP A 241 -17.56 -3.88 -8.76
N GLU A 242 -18.00 -5.02 -8.25
CA GLU A 242 -18.38 -6.15 -9.08
C GLU A 242 -19.48 -5.77 -10.06
N ASN A 243 -20.26 -4.75 -9.71
CA ASN A 243 -21.36 -4.29 -10.56
C ASN A 243 -20.92 -3.44 -11.74
N LYS A 244 -19.63 -3.12 -11.82
CA LYS A 244 -19.17 -2.20 -12.86
C LYS A 244 -18.01 -2.74 -13.70
N ILE A 245 -17.94 -4.06 -13.83
CA ILE A 245 -16.86 -4.67 -14.60
C ILE A 245 -17.00 -4.32 -16.07
N SER A 246 -18.23 -4.27 -16.56
CA SER A 246 -18.46 -3.96 -17.98
C SER A 246 -18.04 -2.56 -18.31
N ILE A 247 -18.06 -1.67 -17.33
CA ILE A 247 -17.65 -0.29 -17.58
C ILE A 247 -16.14 -0.25 -17.89
N VAL A 248 -15.37 -1.10 -17.23
CA VAL A 248 -13.93 -1.18 -17.47
C VAL A 248 -13.68 -1.89 -18.80
N THR A 249 -14.31 -3.05 -18.98
CA THR A 249 -14.07 -3.84 -20.18
C THR A 249 -14.56 -3.09 -21.43
N GLU A 250 -15.74 -2.47 -21.37
CA GLU A 250 -16.21 -1.70 -22.54
C GLU A 250 -15.37 -0.43 -22.78
N ALA A 251 -14.99 0.28 -21.73
CA ALA A 251 -14.12 1.44 -21.90
C ALA A 251 -12.80 0.98 -22.56
N MET A 252 -12.32 -0.16 -22.12
CA MET A 252 -11.12 -0.74 -22.69
C MET A 252 -11.36 -1.10 -24.16
N ASN A 253 -12.51 -1.72 -24.45
CA ASN A 253 -12.79 -2.16 -25.81
C ASN A 253 -12.93 -1.03 -26.79
N GLU A 254 -13.58 0.06 -26.37
CA GLU A 254 -13.75 1.19 -27.26
C GLU A 254 -12.40 1.85 -27.54
N ALA A 255 -11.57 2.02 -26.53
CA ALA A 255 -10.25 2.65 -26.73
C ALA A 255 -9.34 1.76 -27.60
N LEU A 256 -9.45 0.45 -27.44
CA LEU A 256 -8.79 -0.52 -28.32
C LEU A 256 -9.20 -0.33 -29.80
N ARG A 257 -10.49 -0.16 -30.06
CA ARG A 257 -10.97 0.04 -31.43
C ARG A 257 -10.41 1.35 -31.98
N LYS A 258 -10.33 2.36 -31.11
CA LYS A 258 -9.76 3.63 -31.52
C LYS A 258 -8.29 3.41 -31.81
N LEU A 259 -7.61 2.72 -30.90
CA LEU A 259 -6.19 2.42 -31.10
C LEU A 259 -5.99 1.76 -32.47
N GLU A 260 -6.79 0.72 -32.74
CA GLU A 260 -6.68 -0.01 -34.00
C GLU A 260 -6.82 0.90 -35.22
N GLN A 261 -7.94 1.59 -35.30
CA GLN A 261 -8.24 2.44 -36.45
C GLN A 261 -7.14 3.48 -36.66
N ARG A 262 -6.65 4.07 -35.58
CA ARG A 262 -5.60 5.07 -35.69
C ARG A 262 -4.32 4.45 -36.22
N VAL A 263 -4.00 3.26 -35.72
CA VAL A 263 -2.79 2.57 -36.18
C VAL A 263 -2.91 2.17 -37.66
N LEU A 264 -4.06 1.64 -38.05
CA LEU A 264 -4.25 1.20 -39.44
C LEU A 264 -4.14 2.38 -40.41
N ASN A 265 -4.77 3.50 -40.07
CA ASN A 265 -4.70 4.68 -40.92
C ASN A 265 -3.25 5.12 -41.12
N THR A 266 -2.43 4.94 -40.09
CA THR A 266 -1.02 5.31 -40.17
C THR A 266 -0.28 4.42 -41.17
N LEU A 267 -0.69 3.16 -41.28
CA LEU A 267 -0.03 2.22 -42.15
C LEU A 267 -0.24 2.58 -43.60
N ASN A 268 -1.44 3.08 -43.90
CA ASN A 268 -1.77 3.49 -45.26
C ASN A 268 -0.70 4.40 -45.86
N GLU A 269 0.12 5.01 -45.02
CA GLU A 269 1.13 5.96 -45.48
C GLU A 269 2.47 5.33 -45.84
N PHE A 270 2.59 4.02 -45.65
CA PHE A 270 3.78 3.30 -46.10
C PHE A 270 3.44 2.43 -47.32
N SER A 271 4.44 2.15 -48.14
CA SER A 271 4.22 1.41 -49.37
C SER A 271 5.51 0.77 -49.86
N GLY A 272 5.39 -0.42 -50.43
CA GLY A 272 6.53 -1.09 -51.04
C GLY A 272 7.26 -2.02 -50.09
N TYR A 273 6.74 -2.19 -48.88
CA TYR A 273 7.34 -3.10 -47.92
C TYR A 273 6.95 -4.52 -48.30
N THR A 274 7.93 -5.43 -48.24
CA THR A 274 7.70 -6.82 -48.57
C THR A 274 7.44 -7.65 -47.33
N HIS A 275 7.92 -7.18 -46.19
CA HIS A 275 7.75 -7.88 -44.92
C HIS A 275 7.26 -6.97 -43.81
N VAL A 276 6.46 -7.52 -42.90
CA VAL A 276 5.90 -6.73 -41.82
C VAL A 276 6.18 -7.35 -40.46
N MET A 277 6.75 -6.53 -39.58
CA MET A 277 7.01 -6.96 -38.21
C MET A 277 6.31 -6.05 -37.21
N VAL A 278 5.76 -6.66 -36.16
CA VAL A 278 5.09 -5.93 -35.09
C VAL A 278 5.73 -6.27 -33.75
N ILE A 279 6.26 -5.24 -33.09
CA ILE A 279 6.99 -5.39 -31.82
C ILE A 279 6.42 -4.44 -30.75
N GLY A 280 6.87 -4.61 -29.50
CA GLY A 280 6.39 -3.81 -28.38
C GLY A 280 5.26 -4.47 -27.61
N GLY A 281 4.99 -3.96 -26.40
CA GLY A 281 3.87 -4.44 -25.60
C GLY A 281 2.56 -4.28 -26.32
N GLY A 282 2.42 -3.19 -27.08
CA GLY A 282 1.26 -2.99 -27.93
C GLY A 282 1.02 -4.01 -29.05
N ALA A 283 2.05 -4.77 -29.42
CA ALA A 283 1.94 -5.76 -30.49
C ALA A 283 0.77 -6.70 -30.24
N GLU A 284 0.62 -7.13 -28.99
CA GLU A 284 -0.41 -8.10 -28.65
C GLU A 284 -1.78 -7.57 -29.06
N LEU A 285 -1.97 -6.25 -28.95
CA LEU A 285 -3.29 -5.67 -29.15
C LEU A 285 -3.64 -5.43 -30.61
N ILE A 286 -2.62 -5.23 -31.46
CA ILE A 286 -2.87 -4.79 -32.82
C ILE A 286 -2.46 -5.80 -33.90
N CYS A 287 -1.80 -6.89 -33.52
CA CYS A 287 -1.13 -7.74 -34.51
C CYS A 287 -2.11 -8.39 -35.50
N ASP A 288 -3.24 -8.90 -35.01
CA ASP A 288 -4.26 -9.48 -35.88
C ASP A 288 -4.74 -8.47 -36.93
N ALA A 289 -5.11 -7.28 -36.48
CA ALA A 289 -5.63 -6.27 -37.37
C ALA A 289 -4.57 -5.81 -38.37
N VAL A 290 -3.32 -5.77 -37.95
CA VAL A 290 -2.24 -5.42 -38.87
C VAL A 290 -2.09 -6.47 -39.97
N LYS A 291 -1.90 -7.73 -39.57
CA LYS A 291 -1.70 -8.81 -40.52
C LYS A 291 -2.81 -8.79 -41.57
N LYS A 292 -4.05 -8.68 -41.10
CA LYS A 292 -5.21 -8.60 -41.97
C LYS A 292 -5.18 -7.36 -42.87
N HIS A 293 -4.92 -6.20 -42.29
CA HIS A 293 -4.94 -4.97 -43.06
C HIS A 293 -3.86 -4.92 -44.16
N THR A 294 -2.74 -5.61 -43.95
CA THR A 294 -1.61 -5.50 -44.89
C THR A 294 -1.63 -6.57 -45.99
N GLN A 295 -2.53 -7.53 -45.89
CA GLN A 295 -2.61 -8.57 -46.91
C GLN A 295 -1.24 -9.20 -47.19
N ILE A 296 -0.35 -9.18 -46.19
CA ILE A 296 0.96 -9.80 -46.37
C ILE A 296 0.80 -11.30 -46.21
N ARG A 297 1.51 -12.09 -47.01
CA ARG A 297 1.38 -13.53 -46.92
C ARG A 297 1.96 -14.03 -45.59
N ASP A 298 1.29 -15.02 -45.00
CA ASP A 298 1.59 -15.48 -43.65
C ASP A 298 3.09 -15.51 -43.34
N GLU A 299 3.88 -16.08 -44.24
CA GLU A 299 5.32 -16.29 -44.01
C GLU A 299 6.12 -15.03 -43.89
N ARG A 300 5.52 -13.91 -44.28
CA ARG A 300 6.24 -12.65 -44.27
C ARG A 300 5.81 -11.74 -43.11
N PHE A 301 5.01 -12.31 -42.20
CA PHE A 301 4.57 -11.59 -41.01
C PHE A 301 5.30 -12.03 -39.75
N PHE A 302 5.85 -11.09 -39.00
CA PHE A 302 6.70 -11.44 -37.87
C PHE A 302 6.22 -10.92 -36.52
N LYS A 303 6.04 -11.86 -35.60
CA LYS A 303 5.49 -11.58 -34.28
C LYS A 303 6.07 -12.61 -33.34
N THR A 304 6.78 -12.15 -32.30
CA THR A 304 7.36 -13.07 -31.34
C THR A 304 6.39 -13.33 -30.20
N ASN A 305 6.77 -14.27 -29.33
CA ASN A 305 6.03 -14.56 -28.11
C ASN A 305 6.38 -13.59 -26.97
N ASN A 306 7.43 -12.79 -27.15
CA ASN A 306 7.85 -11.82 -26.13
C ASN A 306 8.04 -10.44 -26.72
N SER A 307 6.99 -9.94 -27.38
CA SER A 307 7.05 -8.73 -28.20
C SER A 307 7.64 -7.51 -27.47
N GLN A 308 7.36 -7.45 -26.18
CA GLN A 308 7.85 -6.37 -25.34
C GLN A 308 9.38 -6.30 -25.30
N TYR A 309 10.03 -7.42 -25.56
CA TYR A 309 11.50 -7.50 -25.44
C TYR A 309 12.21 -7.54 -26.81
N ASP A 310 11.45 -7.52 -27.90
CA ASP A 310 12.05 -7.67 -29.22
C ASP A 310 13.20 -6.66 -29.39
N LEU A 311 12.95 -5.42 -29.00
CA LEU A 311 13.90 -4.34 -29.25
C LEU A 311 15.20 -4.49 -28.45
N VAL A 312 15.07 -4.72 -27.15
CA VAL A 312 16.26 -4.80 -26.31
C VAL A 312 17.09 -6.05 -26.67
N ASN A 313 16.43 -7.12 -27.08
CA ASN A 313 17.12 -8.30 -27.58
C ASN A 313 17.91 -7.99 -28.85
N GLY A 314 17.30 -7.26 -29.78
CA GLY A 314 17.98 -6.84 -30.98
C GLY A 314 19.16 -5.91 -30.71
N MET A 315 19.00 -5.00 -29.76
CA MET A 315 20.10 -4.16 -29.32
C MET A 315 21.25 -5.03 -28.82
N TYR A 316 20.90 -6.06 -28.08
CA TYR A 316 21.90 -6.99 -27.56
C TYR A 316 22.58 -7.78 -28.68
N LEU A 317 21.81 -8.42 -29.55
CA LEU A 317 22.38 -9.24 -30.62
C LEU A 317 23.32 -8.41 -31.49
N ILE A 318 23.00 -7.14 -31.66
CA ILE A 318 23.80 -6.23 -32.47
C ILE A 318 25.07 -5.76 -31.77
N GLY A 319 24.93 -5.29 -30.53
CA GLY A 319 25.99 -4.53 -29.88
C GLY A 319 26.79 -5.25 -28.82
N ASN A 320 26.38 -6.46 -28.44
CA ASN A 320 27.11 -7.21 -27.43
C ASN A 320 28.24 -8.04 -28.02
N MET B 1 -22.38 -17.17 18.20
CA MET B 1 -21.67 -17.47 19.46
C MET B 1 -21.86 -16.30 20.41
N LEU B 2 -21.25 -16.38 21.59
CA LEU B 2 -21.17 -15.21 22.46
C LEU B 2 -19.75 -14.66 22.45
N VAL B 3 -19.58 -13.50 21.81
CA VAL B 3 -18.28 -12.85 21.72
C VAL B 3 -18.23 -11.64 22.64
N PHE B 4 -17.22 -11.57 23.49
CA PHE B 4 -16.99 -10.34 24.24
C PHE B 4 -16.07 -9.43 23.44
N ILE B 5 -16.45 -8.16 23.37
CA ILE B 5 -15.80 -7.20 22.49
C ILE B 5 -15.54 -5.90 23.21
N ASP B 6 -14.31 -5.72 23.71
CA ASP B 6 -13.91 -4.42 24.24
C ASP B 6 -13.51 -3.55 23.05
N ASP B 7 -14.50 -2.85 22.49
CA ASP B 7 -14.32 -2.07 21.27
C ASP B 7 -13.75 -0.69 21.59
N GLY B 8 -12.45 -0.66 21.91
CA GLY B 8 -11.78 0.58 22.27
C GLY B 8 -11.43 1.42 21.04
N SER B 9 -11.01 2.66 21.26
CA SER B 9 -10.82 3.57 20.15
C SER B 9 -9.63 3.20 19.26
N THR B 10 -8.64 2.50 19.83
CA THR B 10 -7.38 2.21 19.13
C THR B 10 -7.34 0.77 18.61
N ASN B 11 -7.83 -0.14 19.45
CA ASN B 11 -7.86 -1.57 19.16
C ASN B 11 -9.16 -2.20 19.66
N ILE B 12 -9.73 -3.08 18.84
CA ILE B 12 -10.86 -3.90 19.27
C ILE B 12 -10.25 -5.16 19.84
N LYS B 13 -10.62 -5.50 21.07
CA LYS B 13 -10.15 -6.73 21.68
C LYS B 13 -11.30 -7.72 21.85
N LEU B 14 -11.09 -8.95 21.38
CA LEU B 14 -12.14 -9.95 21.43
C LEU B 14 -11.76 -11.06 22.41
N GLN B 15 -12.76 -11.58 23.12
CA GLN B 15 -12.58 -12.82 23.87
C GLN B 15 -13.81 -13.72 23.73
N TRP B 16 -13.56 -15.00 23.51
CA TRP B 16 -14.65 -15.96 23.39
C TRP B 16 -14.15 -17.38 23.63
N GLN B 17 -15.08 -18.33 23.60
CA GLN B 17 -14.80 -19.73 23.94
C GLN B 17 -15.17 -20.68 22.80
N GLU B 18 -14.21 -21.52 22.42
CA GLU B 18 -14.43 -22.53 21.36
C GLU B 18 -15.46 -23.55 21.85
N SER B 19 -15.78 -24.51 20.98
CA SER B 19 -16.67 -25.60 21.34
C SER B 19 -16.10 -26.32 22.55
N ASP B 20 -14.89 -26.83 22.39
CA ASP B 20 -14.21 -27.58 23.45
C ASP B 20 -13.77 -26.67 24.59
N GLY B 21 -14.53 -25.61 24.85
CA GLY B 21 -14.27 -24.75 25.99
C GLY B 21 -13.02 -23.90 25.91
N THR B 22 -12.14 -24.18 24.95
CA THR B 22 -10.91 -23.41 24.78
C THR B 22 -11.22 -21.91 24.65
N ILE B 23 -10.45 -21.09 25.34
CA ILE B 23 -10.68 -19.65 25.38
C ILE B 23 -9.83 -18.92 24.35
N LYS B 24 -10.46 -18.09 23.53
CA LYS B 24 -9.76 -17.41 22.45
C LYS B 24 -9.74 -15.89 22.60
N GLN B 25 -8.60 -15.29 22.28
CA GLN B 25 -8.46 -13.84 22.28
C GLN B 25 -7.94 -13.33 20.94
N HIS B 26 -8.44 -12.17 20.51
CA HIS B 26 -8.02 -11.56 19.26
C HIS B 26 -7.94 -10.06 19.44
N ILE B 27 -6.93 -9.42 18.82
CA ILE B 27 -6.89 -7.96 18.78
C ILE B 27 -6.90 -7.45 17.33
N SER B 28 -7.53 -6.29 17.12
CA SER B 28 -7.71 -5.72 15.79
C SER B 28 -7.48 -4.19 15.82
N PRO B 29 -6.40 -3.69 15.19
CA PRO B 29 -6.13 -2.25 15.21
C PRO B 29 -7.12 -1.47 14.35
N ASN B 30 -7.63 -0.36 14.89
CA ASN B 30 -8.61 0.44 14.18
C ASN B 30 -7.94 1.46 13.26
N SER B 31 -7.47 0.96 12.12
CA SER B 31 -6.86 1.78 11.09
C SER B 31 -7.66 1.59 9.78
N PHE B 32 -8.55 2.54 9.50
CA PHE B 32 -9.46 2.47 8.33
C PHE B 32 -9.45 3.80 7.57
N LYS B 33 -9.35 3.74 6.24
CA LYS B 33 -9.43 4.94 5.40
C LYS B 33 -10.79 4.95 4.71
N ARG B 34 -11.22 6.13 4.28
CA ARG B 34 -12.56 6.31 3.75
C ARG B 34 -12.57 6.13 2.23
N GLU B 35 -12.09 4.97 1.80
CA GLU B 35 -11.89 4.69 0.39
C GLU B 35 -11.57 3.22 0.26
N TRP B 36 -11.97 2.59 -0.83
CA TRP B 36 -11.66 1.17 -1.02
C TRP B 36 -10.20 1.01 -1.41
N ALA B 37 -9.59 -0.07 -0.93
CA ALA B 37 -8.22 -0.41 -1.29
C ALA B 37 -8.24 -1.26 -2.56
N VAL B 38 -7.15 -1.22 -3.31
CA VAL B 38 -7.02 -2.10 -4.47
C VAL B 38 -6.18 -3.32 -4.09
N SER B 39 -6.68 -4.51 -4.42
CA SER B 39 -5.96 -5.74 -4.13
C SER B 39 -4.93 -5.99 -5.23
N PHE B 40 -3.67 -6.11 -4.83
CA PHE B 40 -2.60 -6.23 -5.80
C PHE B 40 -1.82 -7.52 -5.53
N GLY B 41 -2.18 -8.57 -6.26
CA GLY B 41 -1.52 -9.86 -6.15
C GLY B 41 -1.69 -10.53 -4.81
N ASP B 42 -0.61 -10.57 -4.04
CA ASP B 42 -0.58 -11.31 -2.78
C ASP B 42 -1.46 -10.71 -1.70
N LYS B 43 -1.79 -9.42 -1.85
CA LYS B 43 -2.49 -8.68 -0.81
C LYS B 43 -3.97 -9.00 -0.78
N LYS B 44 -4.50 -9.23 0.43
CA LYS B 44 -5.92 -9.48 0.62
C LYS B 44 -6.58 -8.26 1.27
N VAL B 45 -7.52 -7.62 0.59
CA VAL B 45 -8.08 -6.38 1.10
C VAL B 45 -9.43 -6.56 1.79
N PHE B 46 -9.75 -5.61 2.67
CA PHE B 46 -11.02 -5.61 3.36
C PHE B 46 -11.73 -4.31 3.07
N ASN B 47 -12.64 -4.35 2.11
CA ASN B 47 -13.39 -3.18 1.69
C ASN B 47 -14.83 -3.28 2.18
N TYR B 48 -15.31 -2.24 2.84
CA TYR B 48 -16.60 -2.26 3.49
C TYR B 48 -17.50 -1.19 2.98
N THR B 49 -18.81 -1.38 3.19
CA THR B 49 -19.79 -0.35 2.90
C THR B 49 -20.73 -0.26 4.08
N LEU B 50 -20.76 0.90 4.74
CA LEU B 50 -21.70 1.08 5.84
C LEU B 50 -22.55 2.28 5.56
N ASN B 51 -23.84 2.02 5.38
CA ASN B 51 -24.80 3.04 4.98
C ASN B 51 -24.28 3.88 3.81
N GLY B 52 -24.09 3.22 2.68
CA GLY B 52 -23.67 3.90 1.46
C GLY B 52 -22.27 4.47 1.49
N GLU B 53 -21.57 4.30 2.60
CA GLU B 53 -20.25 4.88 2.78
C GLU B 53 -19.18 3.79 2.82
N GLN B 54 -18.09 3.98 2.09
CA GLN B 54 -17.07 2.92 2.04
C GLN B 54 -15.80 3.21 2.84
N TYR B 55 -15.22 2.13 3.34
CA TYR B 55 -14.04 2.15 4.18
C TYR B 55 -13.21 0.93 3.82
N SER B 56 -11.90 1.00 4.03
CA SER B 56 -11.06 -0.18 3.93
C SER B 56 -10.10 -0.23 5.09
N PHE B 57 -9.78 -1.43 5.53
CA PHE B 57 -8.73 -1.60 6.50
C PHE B 57 -7.45 -1.12 5.84
N ASP B 58 -6.78 -0.15 6.45
CA ASP B 58 -5.50 0.32 5.93
C ASP B 58 -4.59 0.71 7.09
N PRO B 59 -3.69 -0.20 7.47
CA PRO B 59 -2.78 0.00 8.60
C PRO B 59 -1.71 1.06 8.36
N ILE B 60 -1.45 1.45 7.10
CA ILE B 60 -0.29 2.31 6.82
C ILE B 60 -0.62 3.74 6.35
N SER B 61 -1.84 3.96 5.86
CA SER B 61 -2.20 5.21 5.23
C SER B 61 -2.15 6.39 6.20
N PRO B 62 -1.47 7.49 5.81
CA PRO B 62 -1.47 8.72 6.62
C PRO B 62 -2.88 9.31 6.76
N ASP B 63 -3.82 8.82 5.95
CA ASP B 63 -5.18 9.33 5.94
C ASP B 63 -6.17 8.43 6.67
N ALA B 64 -5.68 7.53 7.50
CA ALA B 64 -6.57 6.68 8.26
C ALA B 64 -7.33 7.55 9.27
N VAL B 65 -8.63 7.32 9.37
CA VAL B 65 -9.50 8.07 10.28
C VAL B 65 -8.90 8.07 11.70
N VAL B 66 -8.79 9.25 12.29
CA VAL B 66 -8.32 9.38 13.68
C VAL B 66 -9.50 9.14 14.62
N THR B 67 -9.37 8.14 15.49
CA THR B 67 -10.52 7.68 16.27
C THR B 67 -10.47 8.10 17.74
N THR B 68 -9.64 9.09 18.04
CA THR B 68 -9.33 9.45 19.42
C THR B 68 -10.32 10.42 20.07
N ASN B 69 -11.60 10.08 20.07
CA ASN B 69 -12.64 10.95 20.64
C ASN B 69 -13.81 10.14 21.19
N ILE B 70 -14.66 10.77 21.98
CA ILE B 70 -15.82 10.08 22.56
C ILE B 70 -16.81 9.64 21.49
N ALA B 71 -17.06 10.53 20.52
CA ALA B 71 -18.03 10.30 19.46
C ALA B 71 -17.82 8.98 18.76
N TRP B 72 -16.56 8.56 18.67
CA TRP B 72 -16.24 7.28 18.04
C TRP B 72 -17.06 6.10 18.57
N GLN B 73 -17.46 6.14 19.82
CA GLN B 73 -18.24 5.06 20.42
C GLN B 73 -19.54 4.75 19.65
N TYR B 74 -20.14 5.78 19.07
CA TYR B 74 -21.41 5.63 18.37
C TYR B 74 -21.26 5.82 16.85
N SER B 75 -20.03 5.68 16.35
CA SER B 75 -19.75 6.08 14.98
C SER B 75 -19.97 4.95 13.98
N ASP B 76 -20.03 5.33 12.71
CA ASP B 76 -20.07 4.38 11.60
C ASP B 76 -18.82 3.52 11.57
N VAL B 77 -17.67 4.17 11.74
CA VAL B 77 -16.40 3.47 11.62
C VAL B 77 -16.22 2.49 12.79
N ASN B 78 -16.88 2.76 13.91
CA ASN B 78 -16.87 1.83 15.03
C ASN B 78 -17.49 0.49 14.63
N VAL B 79 -18.62 0.55 13.93
CA VAL B 79 -19.29 -0.66 13.49
C VAL B 79 -18.40 -1.40 12.50
N VAL B 80 -17.84 -0.64 11.56
CA VAL B 80 -16.84 -1.18 10.63
C VAL B 80 -15.73 -1.90 11.40
N ALA B 81 -15.20 -1.24 12.42
CA ALA B 81 -14.05 -1.77 13.14
C ALA B 81 -14.39 -3.13 13.76
N VAL B 82 -15.58 -3.22 14.36
CA VAL B 82 -15.98 -4.43 15.07
C VAL B 82 -16.15 -5.58 14.09
N HIS B 83 -16.94 -5.36 13.05
CA HIS B 83 -17.14 -6.40 12.04
C HIS B 83 -15.80 -6.88 11.48
N HIS B 84 -14.86 -5.96 11.29
CA HIS B 84 -13.55 -6.34 10.78
C HIS B 84 -12.79 -7.18 11.80
N ALA B 85 -12.92 -6.83 13.08
CA ALA B 85 -12.30 -7.60 14.15
C ALA B 85 -12.84 -9.04 14.15
N LEU B 86 -14.13 -9.17 13.88
CA LEU B 86 -14.74 -10.50 13.80
C LEU B 86 -14.26 -11.23 12.54
N LEU B 87 -14.21 -10.51 11.43
CA LEU B 87 -13.82 -11.13 10.16
C LEU B 87 -12.36 -11.60 10.16
N THR B 88 -11.53 -10.99 11.01
CA THR B 88 -10.13 -11.40 11.11
C THR B 88 -9.88 -12.20 12.39
N SER B 89 -10.94 -12.40 13.19
CA SER B 89 -10.84 -13.13 14.45
C SER B 89 -10.46 -14.59 14.24
N GLY B 90 -10.72 -15.12 13.05
CA GLY B 90 -10.44 -16.51 12.77
C GLY B 90 -11.67 -17.39 12.95
N LEU B 91 -12.63 -16.89 13.72
CA LEU B 91 -13.93 -17.52 13.78
C LEU B 91 -14.41 -17.73 12.35
N PRO B 92 -15.31 -18.69 12.16
CA PRO B 92 -16.03 -18.78 10.88
C PRO B 92 -17.20 -17.79 10.93
N VAL B 93 -17.51 -17.15 9.81
CA VAL B 93 -18.58 -16.16 9.81
C VAL B 93 -19.86 -16.84 10.24
N SER B 94 -20.67 -16.11 10.99
CA SER B 94 -21.90 -16.65 11.54
C SER B 94 -22.66 -15.55 12.26
N GLU B 95 -23.78 -15.93 12.86
CA GLU B 95 -24.48 -15.04 13.76
C GLU B 95 -23.71 -15.06 15.07
N VAL B 96 -23.65 -13.91 15.73
CA VAL B 96 -23.05 -13.84 17.05
C VAL B 96 -23.84 -12.90 17.94
N ASP B 97 -23.81 -13.20 19.23
CA ASP B 97 -24.31 -12.28 20.24
C ASP B 97 -23.09 -11.60 20.86
N ILE B 98 -23.23 -10.35 21.25
CA ILE B 98 -22.05 -9.62 21.73
C ILE B 98 -22.29 -8.80 23.00
N VAL B 99 -21.20 -8.62 23.75
CA VAL B 99 -21.17 -7.68 24.85
C VAL B 99 -20.03 -6.69 24.58
N CYS B 100 -20.35 -5.41 24.56
CA CYS B 100 -19.38 -4.37 24.19
C CYS B 100 -19.20 -3.38 25.32
N THR B 101 -18.44 -2.31 25.09
CA THR B 101 -18.10 -1.40 26.18
C THR B 101 -18.31 0.07 25.87
N LEU B 102 -18.45 0.85 26.93
CA LEU B 102 -18.54 2.30 26.83
C LEU B 102 -17.61 2.87 27.88
N PRO B 103 -17.03 4.05 27.61
CA PRO B 103 -16.24 4.74 28.63
C PRO B 103 -17.08 5.00 29.88
N LEU B 104 -16.41 5.13 31.02
CA LEU B 104 -17.09 5.31 32.29
C LEU B 104 -18.11 6.44 32.24
N THR B 105 -17.64 7.62 31.88
CA THR B 105 -18.46 8.82 31.89
C THR B 105 -19.55 8.82 30.80
N GLU B 106 -19.56 7.78 29.96
CA GLU B 106 -20.60 7.61 28.97
C GLU B 106 -21.60 6.58 29.44
N TYR B 107 -21.09 5.53 30.07
CA TYR B 107 -21.94 4.48 30.59
C TYR B 107 -22.72 4.97 31.80
N TYR B 108 -22.14 5.93 32.53
CA TYR B 108 -22.69 6.41 33.79
C TYR B 108 -23.03 7.87 33.75
N ASP B 109 -24.20 8.22 34.27
CA ASP B 109 -24.58 9.63 34.43
C ASP B 109 -23.81 10.18 35.63
N ARG B 110 -24.05 11.46 35.93
CA ARG B 110 -23.32 12.14 36.99
C ARG B 110 -23.68 11.62 38.40
N ASN B 111 -24.66 10.74 38.49
CA ASN B 111 -25.02 10.13 39.77
C ASN B 111 -24.53 8.69 39.83
N ASN B 112 -23.52 8.40 39.01
CA ASN B 112 -22.95 7.06 38.89
C ASN B 112 -24.03 6.03 38.63
N GLN B 113 -25.12 6.45 38.01
CA GLN B 113 -26.15 5.52 37.56
C GLN B 113 -25.98 5.30 36.07
N PRO B 114 -26.22 4.06 35.63
CA PRO B 114 -26.16 3.71 34.21
C PRO B 114 -26.91 4.72 33.35
N ASN B 115 -26.20 5.53 32.56
CA ASN B 115 -26.85 6.44 31.61
C ASN B 115 -27.54 5.63 30.53
N THR B 116 -28.83 5.39 30.73
CA THR B 116 -29.58 4.37 30.01
C THR B 116 -29.76 4.71 28.53
N GLU B 117 -29.73 6.00 28.21
CA GLU B 117 -29.81 6.45 26.83
C GLU B 117 -28.58 6.03 26.04
N ASN B 118 -27.42 6.47 26.49
CA ASN B 118 -26.17 6.12 25.83
C ASN B 118 -26.09 4.63 25.59
N ILE B 119 -26.59 3.86 26.55
CA ILE B 119 -26.46 2.41 26.49
C ILE B 119 -27.28 1.80 25.36
N GLU B 120 -28.50 2.28 25.13
CA GLU B 120 -29.29 1.80 24.01
C GLU B 120 -28.76 2.41 22.70
N ARG B 121 -28.39 3.68 22.75
CA ARG B 121 -27.79 4.34 21.61
C ARG B 121 -26.55 3.62 21.12
N LYS B 122 -25.86 2.97 22.06
CA LYS B 122 -24.70 2.13 21.72
C LYS B 122 -25.19 0.88 21.01
N LYS B 123 -26.27 0.31 21.53
CA LYS B 123 -26.75 -0.97 21.01
C LYS B 123 -27.35 -0.78 19.63
N ALA B 124 -27.95 0.38 19.39
CA ALA B 124 -28.48 0.70 18.08
C ALA B 124 -27.35 0.66 17.04
N ASN B 125 -26.25 1.34 17.36
CA ASN B 125 -25.12 1.45 16.43
C ASN B 125 -24.86 0.14 15.70
N PHE B 126 -24.88 -0.97 16.43
CA PHE B 126 -24.56 -2.26 15.84
C PHE B 126 -25.72 -2.84 15.02
N ARG B 127 -26.79 -2.08 14.89
CA ARG B 127 -27.90 -2.48 14.04
C ARG B 127 -27.84 -1.74 12.70
N LYS B 128 -26.84 -0.87 12.53
CA LYS B 128 -26.58 -0.25 11.24
C LYS B 128 -26.19 -1.31 10.23
N LYS B 129 -26.66 -1.14 8.98
CA LYS B 129 -26.38 -2.09 7.90
C LYS B 129 -24.93 -1.97 7.40
N ILE B 130 -24.30 -3.11 7.15
CA ILE B 130 -22.92 -3.12 6.69
C ILE B 130 -22.70 -4.18 5.60
N THR B 131 -21.78 -3.90 4.68
CA THR B 131 -21.47 -4.80 3.58
C THR B 131 -19.97 -5.01 3.47
N LEU B 132 -19.55 -6.27 3.43
CA LEU B 132 -18.17 -6.59 3.08
C LEU B 132 -18.16 -6.89 1.58
N ASN B 133 -17.40 -6.10 0.84
CA ASN B 133 -17.36 -6.22 -0.60
C ASN B 133 -16.82 -7.58 -0.99
N GLY B 134 -17.63 -8.34 -1.74
CA GLY B 134 -17.24 -9.64 -2.24
C GLY B 134 -17.16 -10.71 -1.17
N GLY B 135 -17.99 -10.61 -0.14
CA GLY B 135 -17.98 -11.60 0.93
C GLY B 135 -19.04 -11.35 1.97
N ASP B 136 -19.20 -12.31 2.88
CA ASP B 136 -20.25 -12.28 3.89
C ASP B 136 -19.83 -11.55 5.15
N THR B 137 -20.78 -10.85 5.75
CA THR B 137 -20.57 -10.12 6.99
C THR B 137 -21.19 -10.87 8.17
N PHE B 138 -20.42 -11.01 9.25
CA PHE B 138 -20.96 -11.55 10.50
C PHE B 138 -22.29 -10.89 10.81
N THR B 139 -23.13 -11.55 11.60
CA THR B 139 -24.46 -11.04 11.92
C THR B 139 -24.61 -10.76 13.43
N ILE B 140 -24.70 -9.49 13.80
CA ILE B 140 -24.75 -9.11 15.20
C ILE B 140 -26.17 -9.10 15.77
N LYS B 141 -26.47 -10.09 16.59
CA LYS B 141 -27.82 -10.25 17.14
C LYS B 141 -28.00 -9.50 18.46
N ASP B 142 -27.90 -10.20 19.58
CA ASP B 142 -28.12 -9.55 20.87
C ASP B 142 -26.96 -8.63 21.20
N VAL B 143 -27.27 -7.46 21.73
CA VAL B 143 -26.26 -6.48 22.10
C VAL B 143 -26.41 -6.07 23.54
N LYS B 144 -25.36 -6.32 24.33
CA LYS B 144 -25.30 -5.80 25.69
C LYS B 144 -24.04 -4.97 25.93
N VAL B 145 -24.12 -4.06 26.88
CA VAL B 145 -23.05 -3.12 27.17
C VAL B 145 -22.51 -3.29 28.60
N MET B 146 -21.24 -2.99 28.80
CA MET B 146 -20.63 -2.93 30.12
C MET B 146 -19.76 -1.67 30.18
N PRO B 147 -19.52 -1.15 31.38
CA PRO B 147 -18.64 0.04 31.45
C PRO B 147 -17.18 -0.34 31.24
N GLU B 148 -16.33 0.63 30.95
CA GLU B 148 -14.90 0.36 30.84
C GLU B 148 -14.24 0.38 32.20
N SER B 149 -13.11 -0.31 32.31
CA SER B 149 -12.26 -0.30 33.50
C SER B 149 -12.74 -1.27 34.59
N ILE B 150 -13.94 -1.04 35.10
CA ILE B 150 -14.44 -1.79 36.26
C ILE B 150 -14.38 -3.32 36.10
N PRO B 151 -14.85 -3.84 34.96
CA PRO B 151 -14.83 -5.31 34.83
C PRO B 151 -13.44 -5.94 34.95
N ALA B 152 -12.38 -5.19 34.71
CA ALA B 152 -11.03 -5.75 34.74
C ALA B 152 -10.67 -6.22 36.15
N GLY B 153 -11.33 -5.65 37.15
CA GLY B 153 -11.02 -5.96 38.54
C GLY B 153 -11.80 -7.12 39.12
N TYR B 154 -12.54 -7.83 38.27
CA TYR B 154 -13.43 -8.88 38.76
C TYR B 154 -12.71 -9.88 39.68
N GLU B 155 -11.67 -10.54 39.17
CA GLU B 155 -10.97 -11.54 39.95
C GLU B 155 -10.36 -10.96 41.24
N VAL B 156 -9.72 -9.80 41.14
CA VAL B 156 -9.13 -9.14 42.30
C VAL B 156 -10.19 -8.77 43.33
N LEU B 157 -11.30 -8.19 42.87
CA LEU B 157 -12.37 -7.78 43.75
C LEU B 157 -12.95 -8.94 44.55
N GLN B 158 -13.02 -10.11 43.92
CA GLN B 158 -13.57 -11.30 44.59
C GLN B 158 -13.01 -11.50 46.00
N GLU B 159 -11.79 -11.01 46.24
CA GLU B 159 -11.10 -11.33 47.48
C GLU B 159 -10.70 -10.11 48.29
N LEU B 160 -11.43 -9.01 48.09
CA LEU B 160 -11.26 -7.81 48.90
C LEU B 160 -12.39 -7.68 49.91
N ASP B 161 -12.06 -7.33 51.14
CA ASP B 161 -13.08 -7.00 52.10
C ASP B 161 -13.86 -5.82 51.51
N GLU B 162 -15.17 -5.80 51.71
CA GLU B 162 -16.02 -4.81 51.08
C GLU B 162 -15.70 -3.41 51.58
N ALA B 163 -14.95 -3.33 52.68
CA ALA B 163 -14.50 -2.05 53.18
C ALA B 163 -13.27 -1.58 52.40
N ASP B 164 -12.56 -2.53 51.80
CA ASP B 164 -11.43 -2.22 50.93
C ASP B 164 -11.94 -1.60 49.63
N SER B 165 -11.08 -0.86 48.94
CA SER B 165 -11.45 -0.27 47.66
C SER B 165 -10.32 -0.33 46.64
N LEU B 166 -10.62 -0.89 45.47
CA LEU B 166 -9.66 -1.03 44.39
C LEU B 166 -9.74 0.16 43.43
N LEU B 167 -8.62 0.89 43.31
CA LEU B 167 -8.50 1.91 42.28
C LEU B 167 -8.09 1.23 40.97
N ILE B 168 -9.00 1.23 40.00
CA ILE B 168 -8.74 0.67 38.68
C ILE B 168 -8.39 1.78 37.68
N ILE B 169 -7.13 1.82 37.30
CA ILE B 169 -6.63 2.83 36.38
C ILE B 169 -6.51 2.24 34.99
N ASP B 170 -7.39 2.70 34.09
CA ASP B 170 -7.46 2.23 32.71
C ASP B 170 -6.96 3.33 31.75
N LEU B 171 -5.70 3.21 31.30
CA LEU B 171 -5.18 4.14 30.29
C LEU B 171 -5.25 3.51 28.90
N GLY B 172 -6.15 4.02 28.06
CA GLY B 172 -6.25 3.60 26.68
C GLY B 172 -5.64 4.62 25.72
N GLY B 173 -5.96 4.50 24.42
CA GLY B 173 -5.49 5.42 23.41
C GLY B 173 -6.11 6.79 23.49
N THR B 174 -7.40 6.84 23.83
CA THR B 174 -8.10 8.12 23.91
C THR B 174 -8.32 8.62 25.34
N THR B 175 -8.61 7.70 26.26
CA THR B 175 -9.14 8.09 27.55
C THR B 175 -8.42 7.48 28.73
N LEU B 176 -8.42 8.22 29.83
CA LEU B 176 -8.00 7.71 31.13
C LEU B 176 -9.26 7.46 31.95
N ASP B 177 -9.62 6.18 32.11
CA ASP B 177 -10.78 5.74 32.86
C ASP B 177 -10.34 5.27 34.23
N ILE B 178 -10.60 6.07 35.26
CA ILE B 178 -10.32 5.64 36.62
C ILE B 178 -11.59 5.37 37.41
N SER B 179 -11.71 4.15 37.90
CA SER B 179 -12.79 3.80 38.82
C SER B 179 -12.21 3.41 40.19
N GLN B 180 -12.98 3.67 41.24
CA GLN B 180 -12.66 3.26 42.60
C GLN B 180 -13.82 2.41 43.10
N VAL B 181 -13.57 1.12 43.30
CA VAL B 181 -14.62 0.15 43.58
C VAL B 181 -14.42 -0.52 44.94
N MET B 182 -15.51 -0.82 45.63
CA MET B 182 -15.45 -1.50 46.93
C MET B 182 -15.36 -3.01 46.73
N GLY B 183 -14.73 -3.70 47.68
CA GLY B 183 -14.53 -5.13 47.60
C GLY B 183 -15.75 -5.94 47.19
N LYS B 184 -15.50 -7.07 46.53
CA LYS B 184 -16.55 -7.90 45.95
C LYS B 184 -17.52 -7.09 45.09
N LEU B 185 -17.05 -5.95 44.59
CA LEU B 185 -17.87 -5.12 43.72
C LEU B 185 -19.17 -4.78 44.45
N SER B 186 -19.07 -4.53 45.75
CA SER B 186 -20.24 -4.24 46.57
C SER B 186 -20.64 -2.77 46.46
N GLY B 187 -20.02 -2.04 45.53
CA GLY B 187 -20.37 -0.65 45.32
C GLY B 187 -19.30 0.15 44.60
N ILE B 188 -19.69 1.30 44.07
CA ILE B 188 -18.77 2.18 43.39
C ILE B 188 -18.68 3.47 44.16
N SER B 189 -17.48 3.84 44.59
CA SER B 189 -17.32 5.06 45.36
C SER B 189 -16.90 6.24 44.47
N LYS B 190 -16.27 5.95 43.33
CA LYS B 190 -15.93 7.01 42.40
C LYS B 190 -15.76 6.53 40.96
N ILE B 191 -16.14 7.40 40.04
CA ILE B 191 -16.02 7.14 38.61
C ILE B 191 -15.39 8.37 37.99
N TYR B 192 -14.59 8.16 36.95
CA TYR B 192 -13.81 9.25 36.39
C TYR B 192 -13.33 8.99 34.97
N GLY B 193 -13.37 10.03 34.16
CA GLY B 193 -13.02 9.93 32.76
C GLY B 193 -12.42 11.22 32.26
N ASP B 194 -11.32 11.11 31.56
CA ASP B 194 -10.70 12.22 30.89
C ASP B 194 -10.32 11.77 29.49
N SER B 195 -11.22 12.05 28.54
CA SER B 195 -11.05 11.63 27.16
C SER B 195 -10.10 12.56 26.40
N SER B 196 -9.39 13.41 27.14
CA SER B 196 -8.36 14.27 26.54
C SER B 196 -6.98 13.83 27.01
N LEU B 197 -6.94 12.73 27.74
CA LEU B 197 -5.68 12.22 28.28
C LEU B 197 -5.58 10.74 27.93
N GLY B 198 -4.92 10.47 26.81
CA GLY B 198 -4.79 9.13 26.30
C GLY B 198 -3.38 8.93 25.82
N VAL B 199 -3.03 7.71 25.47
CA VAL B 199 -1.75 7.49 24.84
C VAL B 199 -1.67 8.24 23.49
N SER B 200 -2.82 8.66 22.92
CA SER B 200 -2.83 9.37 21.65
C SER B 200 -2.04 10.68 21.74
N LEU B 201 -1.90 11.18 22.96
CA LEU B 201 -1.00 12.29 23.25
C LEU B 201 0.37 11.99 22.68
N VAL B 202 0.86 10.79 22.98
CA VAL B 202 2.18 10.37 22.49
C VAL B 202 2.06 9.98 21.02
N THR B 203 1.03 9.22 20.69
CA THR B 203 0.88 8.71 19.32
C THR B 203 0.97 9.83 18.28
N SER B 204 0.17 10.89 18.47
CA SER B 204 0.14 11.98 17.50
C SER B 204 1.50 12.68 17.41
N ALA B 205 2.22 12.80 18.52
CA ALA B 205 3.58 13.36 18.55
C ALA B 205 4.57 12.55 17.69
N VAL B 206 4.64 11.24 17.94
CA VAL B 206 5.44 10.33 17.14
C VAL B 206 5.06 10.38 15.65
N LYS B 207 3.77 10.44 15.36
CA LYS B 207 3.25 10.51 14.00
C LYS B 207 3.77 11.76 13.28
N ASP B 208 3.67 12.90 13.93
CA ASP B 208 4.20 14.13 13.36
C ASP B 208 5.70 14.06 13.14
N ALA B 209 6.46 13.57 14.12
CA ALA B 209 7.91 13.40 13.97
C ALA B 209 8.26 12.47 12.79
N LEU B 210 7.54 11.35 12.68
CA LEU B 210 7.76 10.41 11.58
C LEU B 210 7.51 11.12 10.25
N SER B 211 6.47 11.93 10.20
CA SER B 211 6.15 12.71 9.01
C SER B 211 7.35 13.60 8.61
N LEU B 212 7.88 14.37 9.55
CA LEU B 212 9.09 15.18 9.31
C LEU B 212 10.27 14.33 8.84
N ALA B 213 10.32 13.10 9.32
CA ALA B 213 11.38 12.17 8.91
C ALA B 213 11.02 11.46 7.61
N ARG B 214 10.14 12.05 6.82
CA ARG B 214 9.74 11.46 5.53
C ARG B 214 9.32 10.00 5.66
N THR B 215 8.53 9.71 6.69
CA THR B 215 7.98 8.38 6.88
C THR B 215 6.53 8.57 7.26
N LYS B 216 5.80 9.28 6.41
CA LYS B 216 4.42 9.65 6.68
C LYS B 216 3.57 8.40 6.76
N GLY B 217 2.90 8.20 7.89
CA GLY B 217 2.12 6.99 8.11
C GLY B 217 0.91 7.18 9.02
N SER B 218 0.29 6.06 9.40
CA SER B 218 -0.93 6.05 10.21
C SER B 218 -0.59 6.25 11.69
N SER B 219 -1.59 6.53 12.50
CA SER B 219 -1.39 6.57 13.94
C SER B 219 -0.95 5.17 14.39
N TYR B 220 -1.49 4.15 13.74
CA TYR B 220 -1.12 2.76 14.02
C TYR B 220 0.38 2.48 13.82
N LEU B 221 0.98 3.04 12.77
CA LEU B 221 2.42 2.90 12.55
C LEU B 221 3.19 3.69 13.61
N ALA B 222 2.62 4.77 14.12
CA ALA B 222 3.24 5.54 15.19
C ALA B 222 3.25 4.70 16.47
N ASP B 223 2.14 4.04 16.78
CA ASP B 223 2.07 3.16 17.92
C ASP B 223 3.04 2.01 17.83
N ASP B 224 3.22 1.50 16.62
CA ASP B 224 4.17 0.43 16.41
C ASP B 224 5.57 0.91 16.88
N ILE B 225 5.87 2.18 16.65
CA ILE B 225 7.15 2.74 17.07
C ILE B 225 7.18 2.91 18.58
N ILE B 226 6.09 3.40 19.16
CA ILE B 226 6.00 3.54 20.61
C ILE B 226 6.25 2.18 21.25
N ILE B 227 5.58 1.17 20.71
CA ILE B 227 5.67 -0.18 21.26
C ILE B 227 7.09 -0.73 21.19
N HIS B 228 7.79 -0.47 20.09
CA HIS B 228 9.15 -0.98 19.90
C HIS B 228 10.23 0.05 20.23
N ARG B 229 9.91 1.02 21.07
CA ARG B 229 10.75 2.22 21.23
C ARG B 229 12.15 1.94 21.79
N LYS B 230 12.28 0.97 22.70
CA LYS B 230 13.57 0.65 23.31
C LYS B 230 14.51 -0.08 22.33
N ASP B 231 13.98 -0.41 21.16
CA ASP B 231 14.72 -1.15 20.16
C ASP B 231 15.24 -0.25 19.02
N ASN B 232 16.51 0.16 19.11
CA ASN B 232 17.08 1.12 18.17
C ASN B 232 17.07 0.61 16.76
N ASN B 233 17.44 -0.66 16.59
CA ASN B 233 17.58 -1.21 15.25
C ASN B 233 16.25 -1.21 14.52
N TYR B 234 15.18 -1.45 15.26
CA TYR B 234 13.83 -1.50 14.69
C TYR B 234 13.40 -0.10 14.22
N LEU B 235 13.60 0.92 15.04
CA LEU B 235 13.33 2.28 14.62
C LEU B 235 14.13 2.62 13.38
N LYS B 236 15.39 2.20 13.40
CA LYS B 236 16.31 2.47 12.30
C LYS B 236 15.80 1.87 10.99
N GLN B 237 15.22 0.68 11.05
CA GLN B 237 14.71 0.02 9.86
C GLN B 237 13.48 0.76 9.35
N ARG B 238 12.65 1.25 10.25
CA ARG B 238 11.39 1.83 9.84
C ARG B 238 11.45 3.31 9.47
N ILE B 239 12.36 4.06 10.07
CA ILE B 239 12.42 5.51 9.86
C ILE B 239 13.32 5.84 8.65
N ASN B 240 12.76 6.53 7.65
CA ASN B 240 13.47 6.71 6.40
C ASN B 240 14.66 7.67 6.51
N ASP B 241 14.39 8.87 6.98
CA ASP B 241 15.46 9.84 7.22
C ASP B 241 16.10 9.51 8.55
N GLU B 242 17.21 8.80 8.52
CA GLU B 242 17.84 8.36 9.75
C GLU B 242 18.40 9.57 10.50
N ASN B 243 18.70 10.65 9.78
CA ASN B 243 19.16 11.88 10.44
C ASN B 243 18.07 12.50 11.31
N LYS B 244 16.82 12.08 11.12
CA LYS B 244 15.70 12.66 11.87
C LYS B 244 15.11 11.69 12.87
N ILE B 245 15.79 10.57 13.09
CA ILE B 245 15.39 9.67 14.18
C ILE B 245 15.30 10.44 15.49
N SER B 246 16.24 11.36 15.71
CA SER B 246 16.26 12.14 16.96
C SER B 246 14.97 12.92 17.16
N ILE B 247 14.35 13.39 16.08
CA ILE B 247 13.04 14.06 16.21
C ILE B 247 12.02 13.08 16.79
N VAL B 248 11.98 11.86 16.28
CA VAL B 248 10.98 10.88 16.73
C VAL B 248 11.22 10.51 18.20
N THR B 249 12.45 10.19 18.54
CA THR B 249 12.76 9.76 19.89
C THR B 249 12.61 10.90 20.90
N GLU B 250 13.12 12.09 20.58
CA GLU B 250 12.94 13.25 21.46
C GLU B 250 11.46 13.57 21.65
N ALA B 251 10.69 13.53 20.56
CA ALA B 251 9.26 13.80 20.64
C ALA B 251 8.56 12.74 21.49
N MET B 252 8.94 11.49 21.27
CA MET B 252 8.29 10.40 21.97
C MET B 252 8.60 10.48 23.46
N ASN B 253 9.88 10.68 23.78
CA ASN B 253 10.29 10.76 25.18
C ASN B 253 9.73 12.00 25.89
N GLU B 254 9.68 13.14 25.20
CA GLU B 254 9.05 14.32 25.78
C GLU B 254 7.57 14.04 26.04
N ALA B 255 6.89 13.41 25.07
CA ALA B 255 5.45 13.18 25.20
C ALA B 255 5.12 12.21 26.32
N LEU B 256 5.94 11.17 26.47
CA LEU B 256 5.77 10.21 27.55
C LEU B 256 5.92 10.89 28.90
N ARG B 257 6.89 11.80 29.01
CA ARG B 257 7.09 12.52 30.27
C ARG B 257 5.82 13.25 30.65
N LYS B 258 5.24 13.95 29.69
CA LYS B 258 4.08 14.77 29.98
C LYS B 258 2.85 13.91 30.22
N LEU B 259 2.75 12.80 29.52
CA LEU B 259 1.71 11.82 29.78
C LEU B 259 1.79 11.34 31.25
N GLU B 260 2.98 10.92 31.66
CA GLU B 260 3.16 10.47 33.03
C GLU B 260 2.64 11.53 34.01
N GLN B 261 3.12 12.75 33.85
CA GLN B 261 2.85 13.83 34.80
C GLN B 261 1.36 14.09 34.92
N ARG B 262 0.66 14.16 33.81
CA ARG B 262 -0.77 14.41 33.83
C ARG B 262 -1.47 13.26 34.55
N VAL B 263 -1.00 12.05 34.30
CA VAL B 263 -1.60 10.86 34.90
C VAL B 263 -1.42 10.91 36.40
N LEU B 264 -0.19 11.15 36.84
CA LEU B 264 0.12 11.24 38.26
C LEU B 264 -0.64 12.38 38.94
N ASN B 265 -0.72 13.54 38.28
CA ASN B 265 -1.50 14.67 38.79
C ASN B 265 -2.95 14.28 39.02
N THR B 266 -3.51 13.53 38.07
CA THR B 266 -4.87 13.03 38.17
C THR B 266 -5.07 12.19 39.42
N LEU B 267 -4.09 11.33 39.69
CA LEU B 267 -4.21 10.37 40.79
C LEU B 267 -4.34 11.06 42.15
N ASN B 268 -3.83 12.28 42.26
CA ASN B 268 -3.89 13.05 43.50
C ASN B 268 -5.32 13.41 43.87
N GLU B 269 -6.22 13.30 42.91
CA GLU B 269 -7.62 13.62 43.15
C GLU B 269 -8.31 12.45 43.84
N PHE B 270 -7.61 11.34 43.97
CA PHE B 270 -8.20 10.12 44.52
C PHE B 270 -7.62 9.81 45.87
N SER B 271 -8.47 9.24 46.73
CA SER B 271 -8.07 9.01 48.10
C SER B 271 -8.74 7.78 48.71
N GLY B 272 -8.10 7.26 49.75
CA GLY B 272 -8.69 6.23 50.57
C GLY B 272 -8.97 4.96 49.80
N TYR B 273 -8.17 4.70 48.77
CA TYR B 273 -8.18 3.40 48.10
C TYR B 273 -7.18 2.49 48.82
N THR B 274 -7.43 1.18 48.81
CA THR B 274 -6.57 0.25 49.54
C THR B 274 -5.73 -0.65 48.62
N HIS B 275 -6.20 -0.82 47.40
CA HIS B 275 -5.48 -1.57 46.37
C HIS B 275 -5.51 -0.79 45.05
N VAL B 276 -4.53 -1.03 44.19
CA VAL B 276 -4.44 -0.36 42.90
C VAL B 276 -4.27 -1.37 41.77
N MET B 277 -4.93 -1.13 40.66
CA MET B 277 -4.79 -1.97 39.47
C MET B 277 -4.55 -1.07 38.25
N VAL B 278 -3.59 -1.43 37.41
CA VAL B 278 -3.27 -0.66 36.21
C VAL B 278 -3.52 -1.51 34.96
N ILE B 279 -4.42 -1.04 34.09
CA ILE B 279 -4.85 -1.84 32.93
C ILE B 279 -4.81 -1.00 31.63
N GLY B 280 -5.02 -1.65 30.49
CA GLY B 280 -5.02 -0.94 29.21
C GLY B 280 -3.66 -1.03 28.55
N GLY B 281 -3.60 -0.67 27.27
CA GLY B 281 -2.33 -0.63 26.56
C GLY B 281 -1.38 0.36 27.21
N GLY B 282 -1.92 1.46 27.72
CA GLY B 282 -1.10 2.43 28.43
C GLY B 282 -0.43 1.92 29.70
N ALA B 283 -0.95 0.85 30.29
CA ALA B 283 -0.38 0.35 31.54
C ALA B 283 1.12 0.08 31.38
N GLU B 284 1.51 -0.46 30.24
CA GLU B 284 2.92 -0.76 30.01
C GLU B 284 3.79 0.50 30.09
N LEU B 285 3.20 1.67 29.86
CA LEU B 285 3.94 2.93 29.86
C LEU B 285 4.04 3.59 31.24
N ILE B 286 2.97 3.52 32.03
CA ILE B 286 2.90 4.27 33.29
C ILE B 286 2.99 3.43 34.56
N CYS B 287 2.90 2.11 34.45
CA CYS B 287 2.65 1.28 35.63
C CYS B 287 3.69 1.50 36.72
N ASP B 288 4.98 1.52 36.37
CA ASP B 288 6.02 1.67 37.39
C ASP B 288 5.89 3.00 38.13
N ALA B 289 5.56 4.07 37.41
CA ALA B 289 5.46 5.38 38.04
C ALA B 289 4.23 5.49 38.95
N VAL B 290 3.17 4.78 38.59
CA VAL B 290 1.98 4.74 39.45
C VAL B 290 2.30 4.01 40.75
N LYS B 291 2.95 2.85 40.65
CA LYS B 291 3.40 2.14 41.84
C LYS B 291 4.21 3.06 42.77
N LYS B 292 5.18 3.79 42.21
CA LYS B 292 5.99 4.71 43.00
C LYS B 292 5.16 5.76 43.75
N HIS B 293 4.33 6.50 43.02
CA HIS B 293 3.65 7.65 43.61
C HIS B 293 2.47 7.31 44.54
N THR B 294 1.91 6.10 44.43
CA THR B 294 0.77 5.73 45.28
C THR B 294 1.20 5.21 46.65
N GLN B 295 2.40 4.67 46.75
CA GLN B 295 2.85 4.09 48.01
C GLN B 295 1.84 3.04 48.46
N ILE B 296 1.54 2.11 47.56
CA ILE B 296 0.74 0.93 47.91
C ILE B 296 1.66 -0.29 47.89
N ARG B 297 1.44 -1.21 48.80
CA ARG B 297 2.28 -2.39 48.89
C ARG B 297 2.18 -3.18 47.61
N ASP B 298 3.29 -3.76 47.17
CA ASP B 298 3.30 -4.50 45.92
C ASP B 298 2.25 -5.60 45.96
N GLU B 299 2.01 -6.11 47.15
CA GLU B 299 1.05 -7.18 47.34
C GLU B 299 -0.37 -6.72 46.98
N ARG B 300 -0.59 -5.40 46.97
CA ARG B 300 -1.91 -4.85 46.67
C ARG B 300 -1.92 -3.99 45.41
N PHE B 301 -0.84 -4.09 44.64
CA PHE B 301 -0.74 -3.40 43.36
C PHE B 301 -0.78 -4.46 42.25
N PHE B 302 -1.76 -4.36 41.36
CA PHE B 302 -1.98 -5.38 40.35
C PHE B 302 -1.72 -4.91 38.92
N LYS B 303 -0.79 -5.59 38.26
CA LYS B 303 -0.61 -5.43 36.83
C LYS B 303 -0.31 -6.79 36.28
N THR B 304 -0.88 -7.10 35.12
CA THR B 304 -0.72 -8.42 34.54
C THR B 304 0.26 -8.34 33.39
N ASN B 305 0.62 -9.50 32.86
CA ASN B 305 1.48 -9.60 31.69
C ASN B 305 0.67 -9.50 30.40
N ASN B 306 -0.63 -9.24 30.52
CA ASN B 306 -1.50 -9.12 29.35
C ASN B 306 -2.41 -7.90 29.46
N SER B 307 -1.83 -6.77 29.87
CA SER B 307 -2.62 -5.62 30.32
C SER B 307 -3.69 -5.12 29.35
N GLN B 308 -3.40 -5.17 28.06
CA GLN B 308 -4.32 -4.73 27.01
C GLN B 308 -5.65 -5.52 26.97
N TYR B 309 -5.65 -6.73 27.53
CA TYR B 309 -6.84 -7.60 27.54
C TYR B 309 -7.54 -7.75 28.91
N ASP B 310 -6.96 -7.22 29.99
CA ASP B 310 -7.58 -7.40 31.31
C ASP B 310 -9.07 -7.06 31.30
N LEU B 311 -9.46 -6.05 30.53
CA LEU B 311 -10.84 -5.61 30.55
C LEU B 311 -11.75 -6.65 29.90
N VAL B 312 -11.40 -7.09 28.70
CA VAL B 312 -12.26 -8.04 28.00
C VAL B 312 -12.22 -9.42 28.67
N ASN B 313 -11.10 -9.74 29.33
CA ASN B 313 -11.00 -10.97 30.10
C ASN B 313 -12.03 -10.94 31.21
N GLY B 314 -12.03 -9.85 31.97
CA GLY B 314 -13.02 -9.62 33.00
C GLY B 314 -14.44 -9.74 32.50
N MET B 315 -14.75 -9.06 31.39
CA MET B 315 -16.10 -9.12 30.83
C MET B 315 -16.51 -10.57 30.59
N TYR B 316 -15.59 -11.36 30.05
CA TYR B 316 -15.86 -12.75 29.74
C TYR B 316 -16.14 -13.54 31.01
N LEU B 317 -15.30 -13.33 32.02
CA LEU B 317 -15.47 -13.99 33.32
C LEU B 317 -16.79 -13.63 33.99
N ILE B 318 -17.30 -12.43 33.72
CA ILE B 318 -18.55 -11.99 34.35
C ILE B 318 -19.80 -12.45 33.62
N GLY B 319 -19.72 -12.70 32.32
CA GLY B 319 -20.92 -12.95 31.53
C GLY B 319 -20.91 -14.13 30.57
N ASN B 320 -19.90 -14.99 30.63
CA ASN B 320 -19.88 -16.14 29.73
C ASN B 320 -20.57 -17.35 30.34
N ASP C 5 25.16 -12.40 -42.54
CA ASP C 5 25.68 -12.00 -41.24
C ASP C 5 26.54 -10.74 -41.36
N GLU C 6 27.71 -10.88 -41.98
CA GLU C 6 28.73 -9.84 -41.94
C GLU C 6 28.25 -8.51 -42.52
N GLU C 7 27.45 -8.55 -43.57
CA GLU C 7 26.97 -7.32 -44.18
C GLU C 7 25.98 -6.62 -43.25
N THR C 8 25.04 -7.39 -42.71
CA THR C 8 24.01 -6.89 -41.82
C THR C 8 24.60 -6.34 -40.52
N LYS C 9 25.44 -7.14 -39.87
CA LYS C 9 26.05 -6.71 -38.61
C LYS C 9 26.84 -5.44 -38.86
N LYS C 10 27.51 -5.39 -40.00
CA LYS C 10 28.28 -4.20 -40.39
C LYS C 10 27.37 -2.99 -40.32
N ASN C 11 26.33 -3.01 -41.12
CA ASN C 11 25.38 -1.92 -41.18
C ASN C 11 24.75 -1.64 -39.82
N ALA C 12 24.62 -2.68 -39.00
CA ALA C 12 23.96 -2.53 -37.71
C ALA C 12 24.67 -1.48 -36.87
N MET C 13 25.98 -1.33 -37.08
CA MET C 13 26.81 -0.50 -36.22
C MET C 13 26.53 1.00 -36.40
N LYS C 14 25.86 1.35 -37.49
CA LYS C 14 25.44 2.73 -37.68
C LYS C 14 24.30 3.06 -36.72
N LEU C 15 23.67 2.03 -36.16
CA LEU C 15 22.57 2.23 -35.21
C LEU C 15 23.08 2.56 -33.80
N ILE C 16 24.39 2.53 -33.63
CA ILE C 16 24.97 2.81 -32.31
C ILE C 16 25.75 4.10 -32.34
N ASN C 17 25.21 5.13 -31.69
CA ASN C 17 25.85 6.43 -31.64
C ASN C 17 25.75 7.05 -30.25
N ASP D 5 -16.73 -13.69 45.83
CA ASP D 5 -16.78 -14.73 44.80
C ASP D 5 -18.20 -14.88 44.30
N GLU D 6 -18.97 -15.74 44.97
CA GLU D 6 -20.39 -15.90 44.67
C GLU D 6 -21.05 -14.53 44.70
N GLU D 7 -20.81 -13.79 45.79
CA GLU D 7 -21.36 -12.45 45.95
C GLU D 7 -20.83 -11.50 44.86
N THR D 8 -19.55 -11.59 44.58
CA THR D 8 -18.92 -10.71 43.60
C THR D 8 -19.60 -10.82 42.24
N LYS D 9 -19.77 -12.04 41.74
CA LYS D 9 -20.33 -12.22 40.40
C LYS D 9 -21.77 -11.73 40.29
N LYS D 10 -22.54 -11.87 41.38
CA LYS D 10 -23.90 -11.36 41.40
C LYS D 10 -23.88 -9.85 41.25
N ASN D 11 -22.89 -9.21 41.87
CA ASN D 11 -22.76 -7.77 41.79
C ASN D 11 -22.28 -7.34 40.41
N ALA D 12 -21.48 -8.20 39.80
CA ALA D 12 -20.82 -7.86 38.55
C ALA D 12 -21.74 -8.04 37.34
N MET D 13 -22.66 -9.01 37.42
CA MET D 13 -23.64 -9.22 36.36
C MET D 13 -24.68 -8.11 36.37
N LYS D 14 -24.69 -7.30 37.42
CA LYS D 14 -25.43 -6.05 37.42
C LYS D 14 -24.92 -5.11 36.34
N LEU D 15 -23.63 -5.21 36.04
CA LEU D 15 -22.97 -4.30 35.10
C LEU D 15 -23.35 -4.60 33.65
N ILE D 16 -23.70 -5.84 33.37
CA ILE D 16 -24.15 -6.23 32.04
C ILE D 16 -25.59 -5.79 31.81
N ASN D 17 -25.79 -4.62 31.21
CA ASN D 17 -27.14 -4.19 30.90
C ASN D 17 -27.18 -3.24 29.70
PG ANP E . 7.45 3.86 -25.44
O1G ANP E . 8.29 4.94 -24.81
O2G ANP E . 8.20 2.96 -26.39
O3G ANP E . 6.20 4.39 -26.12
PB ANP E . 7.44 1.32 -23.65
O1B ANP E . 8.50 0.85 -24.58
O2B ANP E . 7.79 1.29 -22.19
N3B ANP E . 6.86 2.92 -24.09
PA ANP E . 6.14 -1.23 -24.01
O1A ANP E . 6.85 -1.86 -22.84
O2A ANP E . 6.47 -1.67 -25.41
O3A ANP E . 6.14 0.38 -23.87
O5' ANP E . 4.56 -1.54 -23.94
C5' ANP E . 3.88 -1.37 -22.73
C4' ANP E . 2.41 -1.33 -23.05
O4' ANP E . 1.98 -2.53 -23.72
C3' ANP E . 1.65 -1.23 -21.74
O3' ANP E . 0.92 0.00 -21.79
C2' ANP E . 0.76 -2.46 -21.68
O2' ANP E . -0.60 -2.07 -21.51
C1' ANP E . 0.91 -3.15 -23.02
N9 ANP E . 1.23 -4.59 -22.84
C8 ANP E . 2.37 -5.12 -22.33
N7 ANP E . 2.30 -6.47 -22.32
C5 ANP E . 1.11 -6.81 -22.85
C6 ANP E . 0.39 -8.07 -23.13
N6 ANP E . 0.95 -9.27 -22.84
N1 ANP E . -0.85 -7.98 -23.67
C2 ANP E . -1.43 -6.80 -23.96
N3 ANP E . -0.83 -5.62 -23.73
C4 ANP E . 0.40 -5.57 -23.19
MG MG F . 9.29 1.09 -26.48
PG ANP G . -9.74 3.78 24.71
O1G ANP G . -10.93 3.87 23.78
O2G ANP G . -9.96 2.88 25.89
O3G ANP G . -9.12 5.09 25.12
PB ANP G . -8.13 1.44 23.51
O1B ANP G . -8.76 0.54 24.52
O2B ANP G . -8.23 1.02 22.07
N3B ANP G . -8.54 3.11 23.66
PA ANP G . -5.71 0.19 24.35
O1A ANP G . -5.88 -1.01 23.48
O2A ANP G . -5.93 0.03 25.84
O3A ANP G . -6.56 1.45 23.85
O5' ANP G . -4.21 0.79 24.23
C5' ANP G . -3.71 1.28 23.00
C4' ANP G . -2.44 2.08 23.21
O4' ANP G . -1.53 1.50 24.14
C3' ANP G . -1.71 2.22 21.88
O3' ANP G . -1.96 3.54 21.40
C2' ANP G . -0.24 1.92 22.18
O2' ANP G . 0.57 3.09 22.00
C1' ANP G . -0.18 1.53 23.65
N9 ANP G . 0.47 0.21 23.81
C8 ANP G . -0.07 -0.97 23.50
N7 ANP G . 0.79 -1.98 23.77
C5 ANP G . 1.91 -1.44 24.30
C6 ANP G . 3.21 -1.95 24.79
N6 ANP G . 3.46 -3.28 24.80
N1 ANP G . 4.11 -1.05 25.24
C2 ANP G . 3.84 0.28 25.24
N3 ANP G . 2.68 0.80 24.80
C4 ANP G . 1.70 0.01 24.33
MG MG H . -9.90 0.82 26.26
#